data_2V5A
#
_entry.id   2V5A
#
_cell.length_a   84.315
_cell.length_b   106.410
_cell.length_c   122.184
_cell.angle_alpha   90.00
_cell.angle_beta   90.00
_cell.angle_gamma   90.00
#
_symmetry.space_group_name_H-M   'P 21 21 21'
#
loop_
_entity.id
_entity.type
_entity.pdbx_description
1 polymer 'BIOTIN CARBOXYLASE'
2 non-polymer 7-(2,5-dihydropyrrol-1-yl)-6-phenyl-pyrido[6,5-d]pyrimidin-2-amine
3 non-polymer 'CHLORIDE ION'
4 water water
#
_entity_poly.entity_id   1
_entity_poly.type   'polypeptide(L)'
_entity_poly.pdbx_seq_one_letter_code
;MLDKIVIANRGEIALRILRACKELGIKTVAVHSSADRDLKHVLLADETVCIGPAPSVKSYLNIPAIISAAEITGAVAIHP
GYGFLSENANFAEQVERSGFIFIGPKAETIRLMGDKVSAIAAMKKAGVPCVPGSDGPLGDDMDKNRAIAKRIGYPVIIKA
SGGGGGRGMRVVRGDAELAQSISMTRAEAKAAFSNDMVYMEKYLENPRHVEIQVLADGQGNAIYLAERDCSMQRRHQKVV
EEAPAPGITPELRRYIGERCAKACVDIGYRGAGTFEFLFENGEFYFIEMNTRIQVEHPVTEMITGVDLIKEQLRIAAGQP
LSIKQEEVHVRGHAVECRINAEDPNTFLPSPGKITRFHAPGGFGVRWESHIYAGYTVPPYYDSMIGKLICYGENRDVAIA
RMKNALQELIIDGIKTNVDLQIRIMNDENFQHGGTNIHYLEKKLGLQEK
;
_entity_poly.pdbx_strand_id   A,B
#
# COMPACT_ATOMS: atom_id res chain seq x y z
N MET A 1 16.16 16.89 14.43
CA MET A 1 14.72 16.77 14.02
C MET A 1 13.79 17.70 14.83
N LEU A 2 12.78 18.23 14.15
CA LEU A 2 11.78 19.13 14.72
C LEU A 2 11.01 18.50 15.87
N ASP A 3 11.00 19.18 17.02
CA ASP A 3 10.37 18.67 18.24
C ASP A 3 8.85 18.58 18.11
N LYS A 4 8.24 19.69 17.69
CA LYS A 4 6.80 19.84 17.68
C LYS A 4 6.38 20.79 16.57
N ILE A 5 5.34 20.41 15.84
CA ILE A 5 4.82 21.28 14.78
C ILE A 5 3.31 21.44 14.88
N VAL A 6 2.84 22.58 14.39
CA VAL A 6 1.42 22.83 14.19
C VAL A 6 1.07 22.39 12.78
N ILE A 7 0.01 21.59 12.66
CA ILE A 7 -0.55 21.27 11.36
C ILE A 7 -1.66 22.28 11.04
N ALA A 8 -1.30 23.28 10.25
CA ALA A 8 -2.23 24.36 9.91
C ALA A 8 -3.14 23.95 8.76
N ASN A 9 -3.88 22.87 8.96
CA ASN A 9 -4.80 22.38 7.94
C ASN A 9 -5.85 21.44 8.53
N ARG A 10 -6.66 20.83 7.66
CA ARG A 10 -7.77 19.97 8.06
C ARG A 10 -7.90 18.72 7.18
N GLY A 11 -8.87 17.87 7.51
CA GLY A 11 -9.21 16.73 6.68
C GLY A 11 -8.06 15.78 6.37
N GLU A 12 -8.04 15.28 5.14
CA GLU A 12 -7.11 14.22 4.75
C GLU A 12 -5.64 14.62 4.82
N ILE A 13 -5.32 15.84 4.39
CA ILE A 13 -3.92 16.28 4.34
C ILE A 13 -3.35 16.45 5.74
N ALA A 14 -4.19 16.87 6.68
CA ALA A 14 -3.79 17.02 8.07
C ALA A 14 -3.44 15.67 8.71
N LEU A 15 -4.19 14.62 8.33
CA LEU A 15 -3.90 13.25 8.77
C LEU A 15 -2.65 12.69 8.09
N ARG A 16 -2.49 13.00 6.80
CA ARG A 16 -1.28 12.67 6.06
C ARG A 16 -0.04 13.23 6.73
N ILE A 17 -0.08 14.52 7.08
CA ILE A 17 1.01 15.20 7.77
C ILE A 17 1.22 14.65 9.18
N LEU A 18 0.12 14.37 9.89
CA LEU A 18 0.18 13.79 11.25
C LEU A 18 0.91 12.45 11.27
N ARG A 19 0.59 11.57 10.31
CA ARG A 19 1.24 10.26 10.19
C ARG A 19 2.74 10.38 9.93
N ALA A 20 3.11 11.32 9.06
CA ALA A 20 4.51 11.59 8.74
C ALA A 20 5.28 12.05 9.97
N CYS A 21 4.66 12.94 10.75
CA CYS A 21 5.22 13.44 12.00
C CYS A 21 5.47 12.32 12.99
N LYS A 22 4.43 11.50 13.20
CA LYS A 22 4.50 10.35 14.11
C LYS A 22 5.59 9.37 13.73
N GLU A 23 5.75 9.11 12.43
CA GLU A 23 6.84 8.23 11.93
C GLU A 23 8.22 8.78 12.30
N LEU A 24 8.33 10.10 12.34
CA LEU A 24 9.59 10.79 12.60
C LEU A 24 9.77 11.14 14.08
N GLY A 25 8.74 10.83 14.88
CA GLY A 25 8.74 11.12 16.33
C GLY A 25 8.50 12.58 16.65
N ILE A 26 7.83 13.29 15.74
CA ILE A 26 7.54 14.72 15.92
C ILE A 26 6.21 14.89 16.64
N LYS A 27 6.23 15.63 17.74
CA LYS A 27 5.00 15.99 18.46
C LYS A 27 4.07 16.80 17.57
N THR A 28 2.78 16.53 17.69
CA THR A 28 1.80 17.16 16.81
C THR A 28 0.85 18.09 17.55
N VAL A 29 0.64 19.26 16.97
CA VAL A 29 -0.40 20.18 17.43
C VAL A 29 -1.43 20.35 16.32
N ALA A 30 -2.64 19.85 16.56
CA ALA A 30 -3.73 20.06 15.64
C ALA A 30 -4.51 21.33 15.99
N VAL A 31 -4.40 22.34 15.14
CA VAL A 31 -5.27 23.49 15.22
C VAL A 31 -6.52 23.21 14.39
N HIS A 32 -7.69 23.57 14.92
CA HIS A 32 -8.95 23.24 14.29
C HIS A 32 -10.05 24.23 14.60
N SER A 33 -11.04 24.32 13.70
CA SER A 33 -12.26 25.08 13.94
C SER A 33 -13.20 24.31 14.87
N SER A 34 -14.19 25.01 15.42
CA SER A 34 -15.20 24.41 16.29
C SER A 34 -16.05 23.36 15.57
N ALA A 35 -16.10 23.45 14.24
CA ALA A 35 -16.76 22.43 13.42
C ALA A 35 -15.90 21.18 13.20
N ASP A 36 -14.61 21.25 13.54
CA ASP A 36 -13.66 20.18 13.21
C ASP A 36 -13.07 19.46 14.42
N ARG A 37 -13.79 19.48 15.54
CA ARG A 37 -13.34 18.86 16.80
C ARG A 37 -13.18 17.34 16.68
N ASP A 38 -14.03 16.70 15.87
CA ASP A 38 -14.06 15.26 15.74
C ASP A 38 -13.37 14.75 14.46
N LEU A 39 -12.49 15.55 13.89
CA LEU A 39 -11.63 15.10 12.80
C LEU A 39 -10.68 14.01 13.28
N LYS A 40 -10.45 13.01 12.44
CA LYS A 40 -9.59 11.89 12.81
C LYS A 40 -8.20 12.31 13.29
N HIS A 41 -7.56 13.25 12.58
CA HIS A 41 -6.21 13.71 12.96
C HIS A 41 -6.22 14.52 14.25
N VAL A 42 -7.30 15.27 14.49
CA VAL A 42 -7.47 16.02 15.74
C VAL A 42 -7.54 15.04 16.90
N LEU A 43 -8.27 13.95 16.68
CA LEU A 43 -8.44 12.91 17.69
C LEU A 43 -7.16 12.11 17.97
N LEU A 44 -6.21 12.14 17.03
CA LEU A 44 -4.95 11.39 17.17
C LEU A 44 -3.77 12.26 17.57
N ALA A 45 -3.98 13.57 17.63
CA ALA A 45 -2.89 14.52 17.85
C ALA A 45 -2.48 14.62 19.32
N ASP A 46 -1.21 14.96 19.56
CA ASP A 46 -0.68 15.06 20.91
C ASP A 46 -1.30 16.23 21.68
N GLU A 47 -1.48 17.34 20.97
CA GLU A 47 -2.15 18.53 21.51
C GLU A 47 -3.13 19.05 20.50
N THR A 48 -4.21 19.64 20.98
CA THR A 48 -5.19 20.29 20.12
C THR A 48 -5.48 21.70 20.62
N VAL A 49 -5.69 22.61 19.67
CA VAL A 49 -6.12 23.97 19.96
C VAL A 49 -7.28 24.32 19.03
N CYS A 50 -8.41 24.71 19.61
CA CYS A 50 -9.48 25.32 18.80
C CYS A 50 -9.12 26.77 18.50
N ILE A 51 -9.00 27.10 17.23
CA ILE A 51 -8.52 28.42 16.82
C ILE A 51 -9.60 29.38 16.32
N GLY A 52 -10.85 28.94 16.34
CA GLY A 52 -11.96 29.79 15.91
C GLY A 52 -13.17 29.03 15.44
N PRO A 53 -14.24 29.76 15.07
CA PRO A 53 -15.48 29.13 14.61
C PRO A 53 -15.34 28.55 13.20
N ALA A 54 -16.39 27.92 12.72
CA ALA A 54 -16.41 27.19 11.45
C ALA A 54 -15.85 27.89 10.22
N PRO A 55 -16.31 29.13 9.92
CA PRO A 55 -15.80 29.82 8.73
C PRO A 55 -14.28 29.98 8.75
N SER A 56 -13.65 29.68 7.62
CA SER A 56 -12.18 29.64 7.48
C SER A 56 -11.49 30.97 7.79
N VAL A 57 -12.13 32.09 7.43
CA VAL A 57 -11.59 33.43 7.72
C VAL A 57 -11.23 33.60 9.20
N LYS A 58 -12.00 32.93 10.07
CA LYS A 58 -11.79 33.01 11.50
C LYS A 58 -11.12 31.76 12.07
N SER A 59 -10.87 30.77 11.22
CA SER A 59 -10.11 29.58 11.64
C SER A 59 -8.83 29.35 10.83
N TYR A 60 -8.94 28.60 9.73
CA TYR A 60 -7.75 28.15 8.98
C TYR A 60 -7.05 29.23 8.14
N LEU A 61 -7.65 30.42 8.09
CA LEU A 61 -7.00 31.57 7.44
C LEU A 61 -6.67 32.63 8.48
N ASN A 62 -7.00 32.34 9.73
CA ASN A 62 -6.76 33.24 10.85
C ASN A 62 -5.29 33.17 11.27
N ILE A 63 -4.48 34.04 10.67
CA ILE A 63 -3.04 34.06 10.88
C ILE A 63 -2.63 34.21 12.36
N PRO A 64 -3.14 35.25 13.07
CA PRO A 64 -2.80 35.43 14.49
C PRO A 64 -3.13 34.21 15.35
N ALA A 65 -4.30 33.60 15.11
CA ALA A 65 -4.74 32.44 15.88
C ALA A 65 -3.83 31.23 15.73
N ILE A 66 -3.36 30.99 14.50
CA ILE A 66 -2.48 29.86 14.19
C ILE A 66 -1.08 30.10 14.77
N ILE A 67 -0.62 31.35 14.70
CA ILE A 67 0.68 31.72 15.28
C ILE A 67 0.66 31.63 16.80
N SER A 68 -0.43 32.10 17.42
CA SER A 68 -0.62 32.02 18.86
C SER A 68 -0.60 30.59 19.37
N ALA A 69 -1.22 29.69 18.62
CA ALA A 69 -1.26 28.27 18.96
C ALA A 69 0.13 27.65 18.93
N ALA A 70 0.94 28.05 17.96
CA ALA A 70 2.34 27.62 17.89
C ALA A 70 3.11 28.12 19.09
N GLU A 71 2.85 29.38 19.47
CA GLU A 71 3.47 30.01 20.64
C GLU A 71 3.08 29.33 21.95
N ILE A 72 1.79 29.14 22.18
CA ILE A 72 1.31 28.61 23.47
C ILE A 72 1.66 27.12 23.69
N THR A 73 1.86 26.39 22.60
CA THR A 73 2.17 24.95 22.67
C THR A 73 3.67 24.64 22.65
N GLY A 74 4.48 25.67 22.40
CA GLY A 74 5.92 25.51 22.25
C GLY A 74 6.32 24.79 20.96
N ALA A 75 5.45 24.85 19.94
CA ALA A 75 5.77 24.29 18.62
C ALA A 75 6.85 25.13 17.95
N VAL A 76 7.65 24.50 17.10
CA VAL A 76 8.81 25.16 16.46
C VAL A 76 8.59 25.42 14.96
N ALA A 77 7.54 24.84 14.40
CA ALA A 77 7.30 24.86 12.96
C ALA A 77 5.82 24.73 12.63
N ILE A 78 5.46 25.19 11.43
CA ILE A 78 4.08 25.16 10.95
C ILE A 78 4.06 24.55 9.55
N HIS A 79 3.31 23.46 9.40
CA HIS A 79 3.04 22.86 8.09
C HIS A 79 1.68 23.34 7.58
N PRO A 80 1.67 24.09 6.47
CA PRO A 80 0.45 24.72 5.94
C PRO A 80 -0.43 23.79 5.09
N GLY A 81 0.08 22.60 4.74
CA GLY A 81 -0.64 21.65 3.88
C GLY A 81 -0.70 22.15 2.46
N TYR A 82 -1.86 21.93 1.82
CA TYR A 82 -2.23 22.64 0.60
C TYR A 82 -3.48 23.48 0.87
N GLY A 83 -3.79 24.38 -0.06
CA GLY A 83 -4.92 25.29 0.12
C GLY A 83 -4.63 26.30 1.22
N PHE A 84 -5.70 26.84 1.80
CA PHE A 84 -5.61 27.82 2.88
C PHE A 84 -4.45 28.81 2.73
N LEU A 85 -3.45 28.71 3.60
CA LEU A 85 -2.39 29.73 3.64
C LEU A 85 -1.06 29.23 3.08
N SER A 86 -1.09 28.10 2.38
CA SER A 86 0.13 27.44 1.91
C SER A 86 0.88 28.24 0.84
N GLU A 87 0.15 29.05 0.07
CA GLU A 87 0.74 29.92 -0.93
C GLU A 87 0.69 31.40 -0.51
N ASN A 88 0.38 31.64 0.76
CA ASN A 88 0.34 32.99 1.33
C ASN A 88 1.74 33.39 1.82
N ALA A 89 2.39 34.23 1.02
CA ALA A 89 3.75 34.71 1.30
C ALA A 89 3.83 35.60 2.54
N ASN A 90 2.79 36.39 2.77
CA ASN A 90 2.72 37.24 3.94
C ASN A 90 2.64 36.42 5.22
N PHE A 91 1.87 35.33 5.17
CA PHE A 91 1.79 34.37 6.28
C PHE A 91 3.14 33.70 6.58
N ALA A 92 3.79 33.18 5.55
CA ALA A 92 5.10 32.54 5.68
C ALA A 92 6.13 33.50 6.26
N GLU A 93 6.06 34.75 5.82
CA GLU A 93 6.90 35.84 6.32
C GLU A 93 6.63 36.10 7.81
N GLN A 94 5.35 36.21 8.18
CA GLN A 94 4.95 36.37 9.59
C GLN A 94 5.41 35.21 10.48
N VAL A 95 5.27 33.96 9.97
CA VAL A 95 5.72 32.75 10.68
C VAL A 95 7.21 32.83 11.03
N GLU A 96 8.05 33.08 10.03
CA GLU A 96 9.50 33.21 10.21
C GLU A 96 9.84 34.43 11.09
N ARG A 97 9.13 35.53 10.87
CA ARG A 97 9.28 36.76 11.65
C ARG A 97 9.02 36.50 13.13
N SER A 98 8.03 35.64 13.41
CA SER A 98 7.65 35.29 14.76
C SER A 98 8.56 34.24 15.39
N GLY A 99 9.50 33.72 14.59
CA GLY A 99 10.51 32.80 15.08
C GLY A 99 10.23 31.32 14.84
N PHE A 100 9.18 31.02 14.07
CA PHE A 100 8.83 29.65 13.76
C PHE A 100 9.26 29.28 12.34
N ILE A 101 9.52 28.00 12.12
CA ILE A 101 9.83 27.50 10.80
C ILE A 101 8.56 27.28 10.01
N PHE A 102 8.53 27.85 8.81
CA PHE A 102 7.48 27.60 7.85
C PHE A 102 7.94 26.46 6.95
N ILE A 103 7.16 25.37 6.94
CA ILE A 103 7.49 24.20 6.14
C ILE A 103 7.09 24.47 4.68
N GLY A 104 8.05 25.06 3.96
CA GLY A 104 7.89 25.48 2.59
C GLY A 104 9.14 26.23 2.14
N PRO A 105 9.05 26.96 1.02
CA PRO A 105 10.20 27.76 0.58
C PRO A 105 10.28 29.05 1.38
N LYS A 106 11.25 29.91 1.06
CA LYS A 106 11.25 31.26 1.59
C LYS A 106 10.05 32.03 1.06
N ALA A 107 9.57 33.00 1.84
CA ALA A 107 8.45 33.87 1.45
C ALA A 107 8.71 34.60 0.15
N GLU A 108 9.97 34.96 -0.09
CA GLU A 108 10.38 35.57 -1.36
C GLU A 108 10.12 34.66 -2.55
N THR A 109 10.36 33.36 -2.37
CA THR A 109 10.18 32.35 -3.41
C THR A 109 8.70 32.12 -3.69
N ILE A 110 7.90 32.06 -2.62
CA ILE A 110 6.45 31.96 -2.71
C ILE A 110 5.88 33.14 -3.47
N ARG A 111 6.38 34.34 -3.14
CA ARG A 111 5.92 35.60 -3.73
C ARG A 111 6.33 35.70 -5.20
N LEU A 112 7.52 35.20 -5.52
CA LEU A 112 8.02 35.13 -6.89
C LEU A 112 7.11 34.25 -7.77
N MET A 113 6.79 33.06 -7.27
CA MET A 113 6.00 32.08 -8.03
C MET A 113 4.50 32.36 -7.98
N GLY A 114 4.09 33.15 -7.00
CA GLY A 114 2.72 33.63 -6.90
C GLY A 114 2.44 34.81 -7.82
N ASP A 115 3.50 35.39 -8.38
CA ASP A 115 3.37 36.36 -9.45
C ASP A 115 3.72 35.68 -10.76
N LYS A 116 2.69 35.40 -11.55
CA LYS A 116 2.83 34.56 -12.75
C LYS A 116 3.72 35.17 -13.82
N VAL A 117 3.66 36.49 -14.00
CA VAL A 117 4.56 37.19 -14.94
C VAL A 117 6.04 37.03 -14.54
N SER A 118 6.36 37.36 -13.28
CA SER A 118 7.73 37.23 -12.77
C SER A 118 8.22 35.77 -12.69
N ALA A 119 7.31 34.86 -12.36
CA ALA A 119 7.60 33.43 -12.31
C ALA A 119 7.98 32.89 -13.69
N ILE A 120 7.21 33.25 -14.70
CA ILE A 120 7.52 32.90 -16.09
C ILE A 120 8.90 33.46 -16.53
N ALA A 121 9.13 34.75 -16.30
CA ALA A 121 10.42 35.35 -16.64
C ALA A 121 11.61 34.64 -15.96
N ALA A 122 11.40 34.15 -14.75
CA ALA A 122 12.44 33.44 -14.00
C ALA A 122 12.71 32.06 -14.60
N MET A 123 11.65 31.37 -15.00
CA MET A 123 11.75 30.04 -15.62
C MET A 123 12.37 30.12 -17.00
N LYS A 124 11.86 31.05 -17.82
CA LYS A 124 12.40 31.31 -19.14
C LYS A 124 13.89 31.65 -19.08
N LYS A 125 14.27 32.46 -18.08
CA LYS A 125 15.67 32.76 -17.81
C LYS A 125 16.47 31.53 -17.40
N ALA A 126 15.85 30.65 -16.59
CA ALA A 126 16.53 29.47 -16.07
C ALA A 126 16.64 28.34 -17.09
N GLY A 127 15.93 28.46 -18.21
CA GLY A 127 15.99 27.45 -19.28
C GLY A 127 14.78 26.53 -19.36
N VAL A 128 13.73 26.84 -18.59
CA VAL A 128 12.50 26.08 -18.64
C VAL A 128 11.66 26.59 -19.81
N PRO A 129 11.20 25.69 -20.71
CA PRO A 129 10.36 26.12 -21.83
C PRO A 129 8.98 26.59 -21.37
N CYS A 130 8.58 27.78 -21.84
CA CYS A 130 7.32 28.39 -21.46
C CYS A 130 6.42 28.57 -22.68
N VAL A 131 5.17 28.96 -22.45
CA VAL A 131 4.24 29.27 -23.54
C VAL A 131 4.68 30.57 -24.24
N PRO A 132 4.74 30.56 -25.58
CA PRO A 132 4.98 31.82 -26.28
C PRO A 132 3.96 32.85 -25.82
N GLY A 133 4.45 34.02 -25.41
CA GLY A 133 3.59 35.03 -24.83
C GLY A 133 4.15 36.43 -24.89
N SER A 134 3.54 37.33 -24.13
CA SER A 134 3.90 38.73 -24.12
C SER A 134 5.25 38.99 -23.42
N ASP A 135 5.70 38.03 -22.61
CA ASP A 135 6.90 38.18 -21.79
C ASP A 135 6.90 39.51 -21.05
N GLY A 136 5.78 39.80 -20.40
CA GLY A 136 5.61 41.07 -19.72
C GLY A 136 4.15 41.41 -19.60
N PRO A 137 3.82 42.36 -18.71
CA PRO A 137 2.43 42.80 -18.52
C PRO A 137 1.88 43.53 -19.75
N LEU A 138 0.60 43.32 -20.04
CA LEU A 138 -0.08 44.07 -21.09
C LEU A 138 -0.46 45.46 -20.59
N GLY A 139 -0.14 46.49 -21.37
CA GLY A 139 -0.54 47.86 -21.06
C GLY A 139 -1.95 48.16 -21.54
N ASP A 140 -2.29 49.45 -21.59
CA ASP A 140 -3.61 49.91 -22.05
C ASP A 140 -3.62 50.27 -23.54
N ASP A 141 -2.46 50.18 -24.18
CA ASP A 141 -2.30 50.51 -25.59
C ASP A 141 -2.70 49.34 -26.48
N MET A 142 -3.86 49.47 -27.11
CA MET A 142 -4.48 48.39 -27.88
C MET A 142 -3.86 48.15 -29.25
N ASP A 143 -3.13 49.13 -29.75
CA ASP A 143 -2.32 48.95 -30.96
C ASP A 143 -1.16 48.02 -30.65
N LYS A 144 -0.49 48.26 -29.51
CA LYS A 144 0.53 47.34 -28.98
C LYS A 144 -0.06 45.96 -28.72
N ASN A 145 -1.21 45.91 -28.07
CA ASN A 145 -1.87 44.64 -27.71
C ASN A 145 -2.26 43.80 -28.92
N ARG A 146 -2.73 44.45 -29.99
CA ARG A 146 -3.02 43.76 -31.25
C ARG A 146 -1.74 43.28 -31.96
N ALA A 147 -0.66 44.06 -31.82
CA ALA A 147 0.65 43.69 -32.37
C ALA A 147 1.24 42.47 -31.66
N ILE A 148 1.10 42.44 -30.34
CA ILE A 148 1.54 41.30 -29.53
C ILE A 148 0.76 40.04 -29.87
N ALA A 149 -0.54 40.19 -30.10
CA ALA A 149 -1.41 39.08 -30.50
C ALA A 149 -1.11 38.55 -31.90
N LYS A 150 -0.81 39.46 -32.83
CA LYS A 150 -0.37 39.08 -34.18
C LYS A 150 0.96 38.34 -34.15
N ARG A 151 1.90 38.86 -33.37
CA ARG A 151 3.24 38.27 -33.13
C ARG A 151 3.12 36.84 -32.60
N ILE A 152 2.31 36.67 -31.55
CA ILE A 152 2.06 35.36 -30.95
C ILE A 152 1.29 34.46 -31.93
N GLY A 153 0.17 34.97 -32.45
CA GLY A 153 -0.72 34.20 -33.32
C GLY A 153 -1.98 33.77 -32.59
N TYR A 154 -3.14 34.11 -33.14
CA TYR A 154 -4.43 33.67 -32.59
C TYR A 154 -4.64 32.17 -32.79
N PRO A 155 -5.32 31.50 -31.84
CA PRO A 155 -5.90 32.04 -30.61
C PRO A 155 -4.86 32.39 -29.54
N VAL A 156 -5.20 33.36 -28.70
CA VAL A 156 -4.38 33.73 -27.55
C VAL A 156 -5.22 33.61 -26.28
N ILE A 157 -4.58 33.68 -25.12
CA ILE A 157 -5.31 33.71 -23.86
C ILE A 157 -4.82 34.86 -22.97
N ILE A 158 -5.76 35.55 -22.33
CA ILE A 158 -5.45 36.65 -21.44
C ILE A 158 -5.53 36.12 -20.01
N LYS A 159 -4.50 36.40 -19.22
CA LYS A 159 -4.41 35.88 -17.86
C LYS A 159 -4.00 36.93 -16.83
N ALA A 160 -4.61 36.85 -15.65
CA ALA A 160 -4.21 37.61 -14.48
C ALA A 160 -2.88 37.10 -13.95
N SER A 161 -1.99 38.03 -13.58
CA SER A 161 -0.68 37.68 -13.06
C SER A 161 -0.75 37.22 -11.60
N GLY A 162 -1.66 37.79 -10.83
CA GLY A 162 -1.80 37.43 -9.42
C GLY A 162 -2.80 36.33 -9.17
N GLY A 163 -3.34 35.76 -10.25
CA GLY A 163 -4.42 34.78 -10.14
C GLY A 163 -4.01 33.32 -10.27
N GLY A 164 -5.01 32.45 -10.19
CA GLY A 164 -4.80 31.00 -10.28
C GLY A 164 -6.10 30.23 -10.35
N GLY A 165 -6.02 29.00 -10.85
CA GLY A 165 -7.18 28.11 -10.94
C GLY A 165 -8.16 28.45 -12.04
N GLY A 166 -7.68 29.15 -13.08
CA GLY A 166 -8.51 29.52 -14.23
C GLY A 166 -9.47 30.68 -13.96
N ARG A 167 -9.40 31.23 -12.75
CA ARG A 167 -10.22 32.37 -12.36
C ARG A 167 -9.81 33.58 -13.19
N GLY A 168 -10.77 34.13 -13.94
CA GLY A 168 -10.52 35.31 -14.75
C GLY A 168 -9.42 35.09 -15.77
N MET A 169 -9.75 34.34 -16.81
CA MET A 169 -8.90 34.22 -17.98
C MET A 169 -9.76 33.93 -19.20
N ARG A 170 -9.51 34.63 -20.29
CA ARG A 170 -10.30 34.44 -21.49
C ARG A 170 -9.50 34.20 -22.76
N VAL A 171 -10.02 33.28 -23.57
CA VAL A 171 -9.50 32.97 -24.89
C VAL A 171 -9.95 34.05 -25.86
N VAL A 172 -9.02 34.51 -26.70
CA VAL A 172 -9.33 35.47 -27.75
C VAL A 172 -8.94 34.85 -29.08
N ARG A 173 -9.88 34.87 -30.03
CA ARG A 173 -9.67 34.20 -31.31
C ARG A 173 -9.58 35.16 -32.49
N GLY A 174 -9.67 36.46 -32.20
CA GLY A 174 -9.53 37.50 -33.22
C GLY A 174 -9.49 38.88 -32.61
N ASP A 175 -9.03 39.85 -33.40
CA ASP A 175 -8.86 41.23 -32.94
C ASP A 175 -10.10 41.83 -32.30
N ALA A 176 -11.27 41.51 -32.86
CA ALA A 176 -12.55 42.13 -32.48
C ALA A 176 -12.92 41.93 -31.01
N GLU A 177 -12.41 40.86 -30.40
CA GLU A 177 -12.71 40.52 -29.01
C GLU A 177 -11.59 40.90 -28.03
N LEU A 178 -10.44 41.31 -28.57
CA LEU A 178 -9.24 41.54 -27.77
C LEU A 178 -9.35 42.64 -26.72
N ALA A 179 -9.81 43.82 -27.12
CA ALA A 179 -9.94 44.95 -26.21
C ALA A 179 -10.84 44.62 -25.03
N GLN A 180 -12.03 44.12 -25.34
CA GLN A 180 -13.02 43.76 -24.34
C GLN A 180 -12.55 42.63 -23.40
N SER A 181 -11.87 41.63 -23.97
CA SER A 181 -11.34 40.52 -23.19
C SER A 181 -10.27 40.95 -22.17
N ILE A 182 -9.30 41.75 -22.64
CA ILE A 182 -8.28 42.33 -21.77
C ILE A 182 -8.95 43.13 -20.65
N SER A 183 -9.87 44.01 -21.01
CA SER A 183 -10.56 44.89 -20.06
C SER A 183 -11.29 44.11 -18.95
N MET A 184 -12.02 43.07 -19.33
CA MET A 184 -12.78 42.25 -18.38
C MET A 184 -11.88 41.40 -17.46
N THR A 185 -10.89 40.74 -18.04
CA THR A 185 -9.90 39.98 -17.27
C THR A 185 -9.17 40.87 -16.27
N ARG A 186 -8.81 42.08 -16.72
CA ARG A 186 -8.17 43.08 -15.88
C ARG A 186 -9.07 43.51 -14.72
N ALA A 187 -10.35 43.77 -15.02
CA ALA A 187 -11.33 44.19 -14.02
C ALA A 187 -11.59 43.10 -12.99
N GLU A 188 -11.69 41.86 -13.45
CA GLU A 188 -11.90 40.72 -12.58
C GLU A 188 -10.67 40.40 -11.72
N ALA A 189 -9.48 40.70 -12.26
CA ALA A 189 -8.22 40.53 -11.53
C ALA A 189 -8.07 41.57 -10.41
N LYS A 190 -8.45 42.81 -10.71
CA LYS A 190 -8.47 43.89 -9.73
C LYS A 190 -9.45 43.57 -8.58
N ALA A 191 -10.63 43.05 -8.93
CA ALA A 191 -11.65 42.72 -7.95
C ALA A 191 -11.28 41.55 -7.05
N ALA A 192 -10.57 40.57 -7.63
CA ALA A 192 -10.27 39.31 -6.92
C ALA A 192 -8.91 39.31 -6.21
N PHE A 193 -7.89 39.93 -6.82
CA PHE A 193 -6.53 39.87 -6.28
C PHE A 193 -5.93 41.24 -5.94
N SER A 194 -6.73 42.30 -6.09
CA SER A 194 -6.25 43.69 -5.97
C SER A 194 -4.99 43.95 -6.80
N ASN A 195 -4.86 43.20 -7.89
CA ASN A 195 -3.77 43.33 -8.83
C ASN A 195 -4.35 43.24 -10.23
N ASP A 196 -4.34 44.35 -10.95
CA ASP A 196 -4.96 44.40 -12.29
C ASP A 196 -4.00 43.99 -13.41
N MET A 197 -2.84 43.45 -13.04
CA MET A 197 -1.84 43.03 -14.03
C MET A 197 -2.25 41.78 -14.81
N VAL A 198 -2.17 41.88 -16.13
CA VAL A 198 -2.51 40.78 -17.04
C VAL A 198 -1.40 40.53 -18.06
N TYR A 199 -1.36 39.32 -18.58
CA TYR A 199 -0.40 38.97 -19.63
C TYR A 199 -1.08 38.15 -20.72
N MET A 200 -0.34 37.85 -21.79
CA MET A 200 -0.87 37.14 -22.94
C MET A 200 -0.04 35.90 -23.25
N GLU A 201 -0.72 34.82 -23.63
CA GLU A 201 -0.09 33.58 -24.02
C GLU A 201 -0.78 33.02 -25.24
N LYS A 202 -0.02 32.32 -26.08
CA LYS A 202 -0.58 31.48 -27.13
C LYS A 202 -1.56 30.51 -26.49
N TYR A 203 -2.79 30.47 -26.98
CA TYR A 203 -3.76 29.50 -26.48
C TYR A 203 -3.55 28.14 -27.14
N LEU A 204 -3.25 27.14 -26.30
CA LEU A 204 -3.10 25.76 -26.75
C LEU A 204 -4.44 25.04 -26.64
N GLU A 205 -4.92 24.52 -27.77
CA GLU A 205 -6.30 24.03 -27.91
C GLU A 205 -6.58 22.72 -27.16
N ASN A 206 -5.71 21.73 -27.29
CA ASN A 206 -5.95 20.42 -26.67
C ASN A 206 -4.75 19.78 -25.97
N PRO A 207 -4.18 20.48 -24.97
CA PRO A 207 -3.00 19.92 -24.32
C PRO A 207 -3.34 18.94 -23.20
N ARG A 208 -2.32 18.28 -22.69
CA ARG A 208 -2.42 17.49 -21.47
C ARG A 208 -1.82 18.30 -20.31
N HIS A 209 -2.26 18.01 -19.09
CA HIS A 209 -1.76 18.67 -17.90
C HIS A 209 -0.76 17.75 -17.22
N VAL A 210 0.52 18.04 -17.43
CA VAL A 210 1.62 17.21 -16.95
C VAL A 210 2.53 18.04 -16.06
N GLU A 211 2.70 17.61 -14.82
CA GLU A 211 3.48 18.39 -13.85
C GLU A 211 4.66 17.61 -13.29
N ILE A 212 5.74 18.30 -12.99
CA ILE A 212 6.97 17.70 -12.43
C ILE A 212 7.09 17.96 -10.93
N GLN A 213 7.24 16.88 -10.15
CA GLN A 213 7.53 16.98 -8.73
C GLN A 213 9.02 17.21 -8.48
N VAL A 214 9.33 18.20 -7.65
CA VAL A 214 10.71 18.45 -7.22
C VAL A 214 10.82 18.45 -5.70
N LEU A 215 12.05 18.22 -5.22
CA LEU A 215 12.43 18.44 -3.83
C LEU A 215 13.76 19.18 -3.84
N ALA A 216 13.86 20.20 -2.98
CA ALA A 216 15.13 20.91 -2.83
C ALA A 216 15.39 21.12 -1.34
N ASP A 217 16.62 20.83 -0.91
CA ASP A 217 17.01 21.03 0.48
C ASP A 217 17.86 22.29 0.67
N GLY A 218 18.38 22.47 1.89
CA GLY A 218 19.20 23.64 2.21
C GLY A 218 20.69 23.44 1.97
N GLN A 219 21.06 22.28 1.42
CA GLN A 219 22.47 21.94 1.13
C GLN A 219 22.84 22.06 -0.35
N GLY A 220 21.93 22.61 -1.15
CA GLY A 220 22.17 22.76 -2.59
C GLY A 220 21.66 21.61 -3.43
N ASN A 221 21.01 20.64 -2.79
CA ASN A 221 20.50 19.49 -3.52
C ASN A 221 19.08 19.77 -4.02
N ALA A 222 18.88 19.54 -5.32
CA ALA A 222 17.58 19.69 -5.94
C ALA A 222 17.36 18.56 -6.95
N ILE A 223 16.29 17.81 -6.75
CA ILE A 223 15.99 16.65 -7.58
C ILE A 223 14.57 16.70 -8.13
N TYR A 224 14.33 15.93 -9.19
CA TYR A 224 13.00 15.78 -9.75
C TYR A 224 12.53 14.33 -9.56
N LEU A 225 11.24 14.17 -9.31
CA LEU A 225 10.65 12.86 -9.03
C LEU A 225 9.57 12.53 -10.05
N ALA A 226 9.97 12.56 -11.32
CA ALA A 226 9.09 12.29 -12.47
C ALA A 226 7.89 13.22 -12.54
N GLU A 227 6.85 12.76 -13.25
CA GLU A 227 5.72 13.61 -13.59
C GLU A 227 4.37 12.99 -13.19
N ARG A 228 3.36 13.86 -13.19
CA ARG A 228 1.96 13.45 -12.97
C ARG A 228 1.12 13.98 -14.12
N ASP A 229 0.21 13.14 -14.61
CA ASP A 229 -0.78 13.59 -15.58
C ASP A 229 -2.07 13.88 -14.85
N CYS A 230 -2.53 15.12 -14.94
CA CYS A 230 -3.71 15.58 -14.20
C CYS A 230 -4.76 16.14 -15.16
N SER A 231 -4.76 15.63 -16.40
CA SER A 231 -5.65 16.09 -17.47
C SER A 231 -7.12 15.75 -17.23
N MET A 232 -7.38 14.65 -16.54
CA MET A 232 -8.75 14.24 -16.25
C MET A 232 -9.36 15.18 -15.21
N GLN A 233 -10.00 16.23 -15.70
CA GLN A 233 -10.49 17.31 -14.85
C GLN A 233 -11.83 17.87 -15.33
N ARG A 234 -12.46 18.66 -14.46
CA ARG A 234 -13.71 19.33 -14.77
C ARG A 234 -13.70 20.70 -14.14
N ARG A 235 -13.84 21.73 -14.98
CA ARG A 235 -13.93 23.13 -14.56
C ARG A 235 -12.80 23.57 -13.63
N HIS A 236 -11.58 23.21 -14.02
CA HIS A 236 -10.36 23.51 -13.26
C HIS A 236 -10.30 22.82 -11.88
N GLN A 237 -10.93 21.65 -11.79
CA GLN A 237 -10.85 20.79 -10.61
C GLN A 237 -10.41 19.40 -11.07
N LYS A 238 -9.20 18.99 -10.69
CA LYS A 238 -8.70 17.65 -10.99
C LYS A 238 -9.62 16.57 -10.41
N VAL A 239 -9.74 15.45 -11.13
CA VAL A 239 -10.63 14.36 -10.74
C VAL A 239 -9.82 13.07 -10.59
N VAL A 240 -9.01 12.79 -11.61
CA VAL A 240 -8.08 11.67 -11.60
C VAL A 240 -6.67 12.19 -11.90
N GLU A 241 -5.70 11.67 -11.16
CA GLU A 241 -4.29 11.93 -11.45
C GLU A 241 -3.55 10.61 -11.53
N GLU A 242 -2.49 10.58 -12.33
CA GLU A 242 -1.67 9.38 -12.46
C GLU A 242 -0.20 9.66 -12.66
N ALA A 243 0.64 8.71 -12.28
CA ALA A 243 2.09 8.79 -12.44
C ALA A 243 2.65 7.41 -12.82
N PRO A 244 3.59 7.37 -13.79
CA PRO A 244 4.04 8.49 -14.64
C PRO A 244 2.98 8.83 -15.69
N ALA A 245 3.24 9.84 -16.52
CA ALA A 245 2.32 10.21 -17.58
C ALA A 245 2.50 9.28 -18.78
N PRO A 246 1.40 8.67 -19.27
CA PRO A 246 1.41 7.81 -20.45
C PRO A 246 2.01 8.49 -21.68
N GLY A 247 2.88 7.77 -22.38
CA GLY A 247 3.53 8.31 -23.58
C GLY A 247 4.87 8.97 -23.32
N ILE A 248 5.09 9.42 -22.09
CA ILE A 248 6.33 10.08 -21.71
C ILE A 248 7.46 9.06 -21.59
N THR A 249 8.48 9.26 -22.42
CA THR A 249 9.66 8.41 -22.47
C THR A 249 10.63 8.84 -21.37
N PRO A 250 11.53 7.92 -20.95
CA PRO A 250 12.59 8.32 -20.03
C PRO A 250 13.39 9.51 -20.55
N GLU A 251 13.54 9.62 -21.88
CA GLU A 251 14.28 10.72 -22.51
C GLU A 251 13.62 12.08 -22.31
N LEU A 252 12.30 12.14 -22.48
CA LEU A 252 11.52 13.35 -22.20
C LEU A 252 11.52 13.69 -20.71
N ARG A 253 11.30 12.66 -19.89
CA ARG A 253 11.32 12.79 -18.44
C ARG A 253 12.63 13.40 -17.96
N ARG A 254 13.73 12.84 -18.45
CA ARG A 254 15.09 13.35 -18.22
C ARG A 254 15.21 14.81 -18.67
N TYR A 255 14.79 15.08 -19.91
CA TYR A 255 14.90 16.40 -20.51
C TYR A 255 14.24 17.52 -19.68
N ILE A 256 12.98 17.29 -19.30
CA ILE A 256 12.20 18.31 -18.59
C ILE A 256 12.49 18.34 -17.09
N GLY A 257 12.73 17.17 -16.50
CA GLY A 257 13.06 17.05 -15.09
C GLY A 257 14.35 17.76 -14.70
N GLU A 258 15.39 17.57 -15.52
CA GLU A 258 16.68 18.23 -15.33
C GLU A 258 16.59 19.75 -15.40
N ARG A 259 15.71 20.25 -16.26
CA ARG A 259 15.49 21.68 -16.44
C ARG A 259 14.75 22.29 -15.25
N CYS A 260 13.84 21.51 -14.65
CA CYS A 260 13.13 21.91 -13.43
C CYS A 260 14.05 21.95 -12.22
N ALA A 261 14.89 20.93 -12.07
CA ALA A 261 15.86 20.89 -10.96
C ALA A 261 16.88 22.03 -11.07
N LYS A 262 17.31 22.30 -12.30
CA LYS A 262 18.21 23.41 -12.60
C LYS A 262 17.55 24.74 -12.22
N ALA A 263 16.26 24.89 -12.56
CA ALA A 263 15.51 26.08 -12.21
C ALA A 263 15.45 26.31 -10.68
N CYS A 264 15.24 25.22 -9.93
CA CYS A 264 15.26 25.26 -8.46
C CYS A 264 16.58 25.81 -7.91
N VAL A 265 17.69 25.36 -8.47
CA VAL A 265 19.02 25.80 -8.05
C VAL A 265 19.22 27.29 -8.32
N ASP A 266 18.79 27.73 -9.51
CA ASP A 266 18.90 29.14 -9.90
C ASP A 266 18.10 30.08 -8.99
N ILE A 267 16.92 29.64 -8.58
CA ILE A 267 16.03 30.48 -7.77
C ILE A 267 16.24 30.27 -6.26
N GLY A 268 17.11 29.32 -5.92
CA GLY A 268 17.34 28.95 -4.52
C GLY A 268 16.08 28.41 -3.88
N TYR A 269 15.43 27.47 -4.56
CA TYR A 269 14.19 26.87 -4.08
C TYR A 269 14.44 25.93 -2.89
N ARG A 270 13.46 25.82 -2.01
CA ARG A 270 13.55 24.93 -0.85
C ARG A 270 12.23 24.21 -0.60
N GLY A 271 12.33 22.93 -0.28
CA GLY A 271 11.18 22.11 0.07
C GLY A 271 10.60 21.37 -1.14
N ALA A 272 9.36 20.91 -0.98
CA ALA A 272 8.62 20.30 -2.06
C ALA A 272 8.06 21.37 -2.99
N GLY A 273 8.00 21.05 -4.28
CA GLY A 273 7.46 21.96 -5.29
C GLY A 273 6.97 21.23 -6.52
N THR A 274 6.13 21.90 -7.29
CA THR A 274 5.61 21.33 -8.53
C THR A 274 5.67 22.34 -9.67
N PHE A 275 6.29 21.93 -10.78
CA PHE A 275 6.31 22.70 -12.01
C PHE A 275 5.20 22.19 -12.92
N GLU A 276 4.19 23.03 -13.14
CA GLU A 276 3.06 22.68 -14.00
C GLU A 276 3.33 23.03 -15.46
N PHE A 277 2.99 22.08 -16.34
CA PHE A 277 3.22 22.25 -17.78
C PHE A 277 1.98 21.89 -18.57
N LEU A 278 1.79 22.59 -19.69
CA LEU A 278 0.91 22.09 -20.73
C LEU A 278 1.77 21.29 -21.69
N PHE A 279 1.33 20.06 -21.98
CA PHE A 279 2.06 19.17 -22.86
C PHE A 279 1.24 18.91 -24.12
N GLU A 280 1.79 19.32 -25.26
CA GLU A 280 1.12 19.21 -26.56
C GLU A 280 2.16 18.98 -27.64
N ASN A 281 1.83 18.13 -28.61
CA ASN A 281 2.72 17.78 -29.71
C ASN A 281 4.14 17.42 -29.27
N GLY A 282 4.25 16.63 -28.21
CA GLY A 282 5.55 16.22 -27.67
C GLY A 282 6.36 17.31 -26.98
N GLU A 283 5.74 18.47 -26.78
CA GLU A 283 6.43 19.64 -26.22
C GLU A 283 5.90 20.02 -24.84
N PHE A 284 6.80 20.47 -23.96
CA PHE A 284 6.41 21.00 -22.65
C PHE A 284 6.38 22.52 -22.67
N TYR A 285 5.36 23.10 -22.03
CA TYR A 285 5.22 24.54 -21.88
C TYR A 285 4.83 24.88 -20.45
N PHE A 286 5.73 25.55 -19.74
CA PHE A 286 5.50 25.96 -18.35
C PHE A 286 4.39 26.98 -18.25
N ILE A 287 3.47 26.75 -17.32
CA ILE A 287 2.42 27.73 -17.04
C ILE A 287 2.55 28.37 -15.64
N GLU A 288 2.78 27.55 -14.62
CA GLU A 288 2.91 28.04 -13.24
C GLU A 288 3.57 27.04 -12.30
N MET A 289 4.01 27.54 -11.15
CA MET A 289 4.64 26.71 -10.14
C MET A 289 3.90 26.76 -8.81
N ASN A 290 3.67 25.59 -8.24
CA ASN A 290 3.11 25.46 -6.90
C ASN A 290 4.22 25.16 -5.91
N THR A 291 4.27 25.94 -4.84
CA THR A 291 5.38 25.86 -3.88
C THR A 291 5.05 24.96 -2.68
N ARG A 292 3.83 24.46 -2.67
CA ARG A 292 3.32 23.62 -1.61
C ARG A 292 3.41 22.14 -2.03
N ILE A 293 3.19 21.25 -1.08
CA ILE A 293 2.83 19.87 -1.40
C ILE A 293 1.40 19.89 -1.95
N GLN A 294 1.08 19.00 -2.88
CA GLN A 294 -0.22 19.03 -3.52
C GLN A 294 -1.10 17.85 -3.13
N VAL A 295 -2.39 17.96 -3.47
CA VAL A 295 -3.37 16.89 -3.30
C VAL A 295 -2.82 15.57 -3.82
N GLU A 296 -2.36 15.59 -5.07
CA GLU A 296 -2.05 14.40 -5.85
C GLU A 296 -0.66 13.82 -5.62
N HIS A 297 0.04 14.33 -4.61
CA HIS A 297 1.41 13.88 -4.28
C HIS A 297 1.57 12.35 -4.07
N PRO A 298 0.54 11.66 -3.54
CA PRO A 298 0.67 10.21 -3.33
C PRO A 298 1.01 9.33 -4.55
N VAL A 299 0.58 9.71 -5.76
CA VAL A 299 0.90 8.89 -6.94
C VAL A 299 2.42 8.92 -7.24
N THR A 300 3.05 10.06 -6.98
CA THR A 300 4.49 10.21 -7.11
C THR A 300 5.23 9.36 -6.07
N GLU A 301 4.72 9.33 -4.85
CA GLU A 301 5.26 8.51 -3.77
C GLU A 301 5.26 7.01 -4.09
N MET A 302 4.19 6.54 -4.73
CA MET A 302 4.04 5.12 -5.05
C MET A 302 5.07 4.63 -6.07
N ILE A 303 5.40 5.48 -7.05
CA ILE A 303 6.27 5.08 -8.16
C ILE A 303 7.76 5.31 -7.90
N THR A 304 8.10 5.99 -6.81
CA THR A 304 9.50 6.33 -6.48
C THR A 304 9.95 5.79 -5.14
N GLY A 305 8.99 5.44 -4.27
CA GLY A 305 9.29 4.99 -2.92
C GLY A 305 9.49 6.13 -1.93
N VAL A 306 9.54 7.36 -2.45
CA VAL A 306 9.87 8.53 -1.64
C VAL A 306 8.65 9.11 -0.92
N ASP A 307 8.76 9.21 0.40
CA ASP A 307 7.75 9.84 1.24
C ASP A 307 7.99 11.35 1.24
N LEU A 308 7.16 12.06 0.47
CA LEU A 308 7.36 13.47 0.19
C LEU A 308 7.12 14.40 1.38
N ILE A 309 6.21 14.00 2.27
CA ILE A 309 5.89 14.81 3.46
C ILE A 309 7.02 14.69 4.47
N LYS A 310 7.56 13.48 4.65
CA LYS A 310 8.73 13.27 5.48
C LYS A 310 9.95 14.02 4.95
N GLU A 311 10.10 14.08 3.62
CA GLU A 311 11.14 14.90 3.01
C GLU A 311 10.98 16.38 3.34
N GLN A 312 9.75 16.88 3.31
CA GLN A 312 9.45 18.26 3.71
C GLN A 312 9.96 18.56 5.13
N LEU A 313 9.63 17.68 6.07
CA LEU A 313 10.00 17.86 7.48
C LEU A 313 11.51 17.77 7.73
N ARG A 314 12.17 16.87 7.03
CA ARG A 314 13.62 16.73 7.08
C ARG A 314 14.34 17.97 6.54
N ILE A 315 13.92 18.43 5.37
CA ILE A 315 14.43 19.67 4.76
C ILE A 315 14.29 20.85 5.72
N ALA A 316 13.13 20.99 6.35
CA ALA A 316 12.85 22.09 7.28
C ALA A 316 13.72 22.02 8.53
N ALA A 317 14.06 20.81 8.95
CA ALA A 317 14.94 20.58 10.09
C ALA A 317 16.42 20.85 9.77
N GLY A 318 16.74 21.03 8.49
CA GLY A 318 18.11 21.25 8.06
C GLY A 318 18.82 19.97 7.65
N GLN A 319 18.05 18.91 7.42
CA GLN A 319 18.62 17.66 6.94
C GLN A 319 18.68 17.66 5.41
N PRO A 320 19.67 16.96 4.83
CA PRO A 320 19.72 16.90 3.37
C PRO A 320 18.70 15.91 2.80
N LEU A 321 18.44 16.02 1.50
CA LEU A 321 17.58 15.04 0.81
C LEU A 321 18.09 13.64 1.07
N SER A 322 17.20 12.76 1.53
CA SER A 322 17.57 11.40 1.93
C SER A 322 17.95 10.50 0.75
N ILE A 323 17.63 10.94 -0.47
CA ILE A 323 17.99 10.24 -1.71
C ILE A 323 18.65 11.19 -2.72
N LYS A 324 19.49 10.62 -3.58
CA LYS A 324 20.11 11.36 -4.68
C LYS A 324 19.34 11.12 -5.99
N GLN A 325 19.60 11.94 -7.01
CA GLN A 325 18.89 11.86 -8.29
C GLN A 325 19.05 10.49 -8.99
N GLU A 326 20.28 10.00 -9.06
CA GLU A 326 20.57 8.69 -9.66
C GLU A 326 19.94 7.54 -8.87
N GLU A 327 19.45 7.83 -7.68
CA GLU A 327 18.74 6.87 -6.82
C GLU A 327 17.22 6.90 -7.05
N VAL A 328 16.75 7.91 -7.78
CA VAL A 328 15.32 8.06 -8.10
C VAL A 328 15.00 7.28 -9.38
N HIS A 329 14.13 6.28 -9.25
CA HIS A 329 13.72 5.46 -10.38
C HIS A 329 12.21 5.33 -10.43
N VAL A 330 11.64 5.59 -11.60
CA VAL A 330 10.22 5.35 -11.86
C VAL A 330 9.97 3.85 -11.92
N ARG A 331 9.22 3.34 -10.94
CA ARG A 331 8.84 1.94 -10.90
C ARG A 331 7.32 1.82 -10.83
N GLY A 332 6.76 1.06 -11.77
CA GLY A 332 5.33 0.78 -11.79
C GLY A 332 4.48 1.96 -12.19
N HIS A 333 3.21 1.89 -11.82
CA HIS A 333 2.25 2.92 -12.17
C HIS A 333 1.23 3.13 -11.05
N ALA A 334 0.85 4.38 -10.84
CA ALA A 334 -0.08 4.74 -9.78
C ALA A 334 -1.19 5.63 -10.32
N VAL A 335 -2.42 5.36 -9.85
CA VAL A 335 -3.60 6.15 -10.21
C VAL A 335 -4.25 6.67 -8.94
N GLU A 336 -4.67 7.93 -8.95
CA GLU A 336 -5.44 8.51 -7.83
C GLU A 336 -6.83 8.95 -8.28
N CYS A 337 -7.84 8.48 -7.55
CA CYS A 337 -9.21 8.97 -7.72
C CYS A 337 -9.59 9.83 -6.52
N ARG A 338 -9.89 11.11 -6.77
CA ARG A 338 -10.41 11.99 -5.73
C ARG A 338 -11.86 11.62 -5.38
N ILE A 339 -12.14 11.52 -4.09
CA ILE A 339 -13.48 11.21 -3.62
C ILE A 339 -14.12 12.46 -3.04
N ASN A 340 -15.22 12.89 -3.65
CA ASN A 340 -15.88 14.13 -3.25
C ASN A 340 -17.27 13.85 -2.69
N ALA A 341 -17.62 14.51 -1.58
CA ALA A 341 -19.00 14.55 -1.11
C ALA A 341 -19.74 15.58 -1.96
N GLU A 342 -20.26 15.12 -3.09
CA GLU A 342 -20.87 16.02 -4.08
C GLU A 342 -22.09 15.38 -4.74
N ASP A 343 -23.00 16.24 -5.19
CA ASP A 343 -24.18 15.80 -5.93
C ASP A 343 -23.79 15.41 -7.37
N PRO A 344 -24.28 14.25 -7.84
CA PRO A 344 -23.97 13.75 -9.20
C PRO A 344 -24.48 14.63 -10.34
N ASN A 345 -25.59 15.33 -10.12
CA ASN A 345 -26.24 16.12 -11.16
C ASN A 345 -25.85 17.59 -11.16
N THR A 346 -25.53 18.13 -9.98
CA THR A 346 -25.16 19.54 -9.86
C THR A 346 -23.65 19.76 -9.70
N PHE A 347 -22.96 18.73 -9.20
CA PHE A 347 -21.54 18.79 -8.84
C PHE A 347 -21.22 19.72 -7.66
N LEU A 348 -22.27 20.22 -7.01
CA LEU A 348 -22.15 21.04 -5.82
C LEU A 348 -21.82 20.19 -4.60
N PRO A 349 -21.12 20.77 -3.61
CA PRO A 349 -20.85 20.04 -2.38
C PRO A 349 -22.12 19.44 -1.80
N SER A 350 -22.02 18.20 -1.30
CA SER A 350 -23.15 17.52 -0.70
C SER A 350 -22.77 17.02 0.69
N PRO A 351 -22.78 17.93 1.69
CA PRO A 351 -22.39 17.58 3.05
C PRO A 351 -23.47 16.77 3.77
N GLY A 352 -23.14 16.25 4.95
CA GLY A 352 -24.07 15.44 5.73
C GLY A 352 -23.33 14.37 6.50
N LYS A 353 -24.09 13.54 7.22
CA LYS A 353 -23.51 12.52 8.09
C LYS A 353 -23.34 11.20 7.36
N ILE A 354 -22.13 10.65 7.45
CA ILE A 354 -21.84 9.32 6.93
C ILE A 354 -22.34 8.28 7.93
N THR A 355 -23.24 7.42 7.46
CA THR A 355 -23.91 6.44 8.32
C THR A 355 -23.22 5.08 8.28
N ARG A 356 -22.71 4.71 7.10
CA ARG A 356 -21.95 3.48 6.95
C ARG A 356 -20.72 3.76 6.12
N PHE A 357 -19.57 3.33 6.63
CA PHE A 357 -18.31 3.48 5.91
C PHE A 357 -17.48 2.20 5.87
N HIS A 358 -16.99 1.88 4.68
CA HIS A 358 -16.01 0.82 4.51
C HIS A 358 -14.93 1.21 3.51
N ALA A 359 -13.68 1.15 3.95
CA ALA A 359 -12.52 1.44 3.10
C ALA A 359 -12.06 0.18 2.39
N PRO A 360 -11.56 0.32 1.14
CA PRO A 360 -11.04 -0.84 0.43
C PRO A 360 -9.64 -1.20 0.92
N GLY A 361 -9.22 -2.43 0.63
CA GLY A 361 -7.89 -2.90 0.99
C GLY A 361 -7.29 -3.71 -0.13
N GLY A 362 -6.18 -4.37 0.18
CA GLY A 362 -5.52 -5.23 -0.78
C GLY A 362 -4.16 -4.72 -1.18
N PHE A 363 -3.51 -5.48 -2.07
CA PHE A 363 -2.17 -5.21 -2.53
C PHE A 363 -2.19 -4.00 -3.46
N GLY A 364 -1.33 -3.02 -3.18
CA GLY A 364 -1.24 -1.81 -3.99
C GLY A 364 -2.36 -0.79 -3.78
N VAL A 365 -3.16 -0.98 -2.73
CA VAL A 365 -4.30 -0.10 -2.47
C VAL A 365 -4.01 0.83 -1.29
N ARG A 366 -4.14 2.13 -1.53
CA ARG A 366 -3.85 3.15 -0.51
C ARG A 366 -5.04 4.11 -0.37
N TRP A 367 -5.57 4.18 0.85
CA TRP A 367 -6.73 5.02 1.15
C TRP A 367 -6.29 6.19 2.02
N GLU A 368 -6.46 7.40 1.48
CA GLU A 368 -6.09 8.62 2.17
C GLU A 368 -7.33 9.42 2.52
N SER A 369 -7.81 9.26 3.75
CA SER A 369 -9.02 9.94 4.21
C SER A 369 -9.15 10.00 5.71
N HIS A 370 -9.75 11.07 6.19
CA HIS A 370 -10.10 11.25 7.59
C HIS A 370 -11.48 10.68 7.96
N ILE A 371 -12.29 10.36 6.95
CA ILE A 371 -13.69 9.96 7.20
C ILE A 371 -13.82 8.60 7.88
N TYR A 372 -14.93 8.44 8.59
CA TYR A 372 -15.25 7.23 9.34
C TYR A 372 -16.78 7.12 9.50
N ALA A 373 -17.26 5.97 9.95
CA ALA A 373 -18.69 5.80 10.25
C ALA A 373 -19.14 6.69 11.41
N GLY A 374 -20.16 7.52 11.16
CA GLY A 374 -20.65 8.45 12.17
C GLY A 374 -20.20 9.89 11.93
N TYR A 375 -19.19 10.06 11.08
CA TYR A 375 -18.60 11.37 10.80
C TYR A 375 -19.48 12.24 9.93
N THR A 376 -19.61 13.51 10.33
CA THR A 376 -20.38 14.48 9.57
C THR A 376 -19.45 15.36 8.73
N VAL A 377 -19.67 15.34 7.43
CA VAL A 377 -18.97 16.25 6.51
C VAL A 377 -19.58 17.64 6.70
N PRO A 378 -18.79 18.61 7.20
CA PRO A 378 -19.25 19.98 7.38
C PRO A 378 -19.43 20.71 6.05
N PRO A 379 -20.39 21.66 5.98
CA PRO A 379 -20.63 22.40 4.74
C PRO A 379 -19.60 23.51 4.43
N TYR A 380 -18.73 23.80 5.39
CA TYR A 380 -17.91 25.02 5.34
C TYR A 380 -16.66 24.96 4.47
N TYR A 381 -16.27 23.76 4.07
CA TYR A 381 -14.98 23.53 3.41
C TYR A 381 -15.13 22.81 2.06
N ASP A 382 -14.00 22.40 1.48
CA ASP A 382 -14.00 21.70 0.18
C ASP A 382 -14.76 20.37 0.23
N SER A 383 -15.20 19.90 -0.94
CA SER A 383 -16.04 18.71 -1.05
C SER A 383 -15.23 17.41 -1.01
N MET A 384 -13.92 17.51 -1.23
CA MET A 384 -13.05 16.34 -1.24
C MET A 384 -12.87 15.78 0.16
N ILE A 385 -13.34 14.54 0.33
CA ILE A 385 -13.34 13.89 1.63
C ILE A 385 -12.36 12.72 1.72
N GLY A 386 -11.74 12.38 0.58
CA GLY A 386 -10.83 11.24 0.51
C GLY A 386 -10.14 11.05 -0.82
N LYS A 387 -9.06 10.26 -0.80
CA LYS A 387 -8.28 9.92 -1.99
C LYS A 387 -7.98 8.43 -2.02
N LEU A 388 -8.34 7.79 -3.13
CA LEU A 388 -8.05 6.38 -3.35
C LEU A 388 -6.91 6.26 -4.35
N ILE A 389 -5.79 5.71 -3.89
CA ILE A 389 -4.60 5.56 -4.72
C ILE A 389 -4.30 4.09 -4.88
N CYS A 390 -4.20 3.65 -6.14
CA CYS A 390 -3.89 2.26 -6.45
C CYS A 390 -2.65 2.18 -7.31
N TYR A 391 -1.73 1.32 -6.88
CA TYR A 391 -0.47 1.10 -7.59
C TYR A 391 -0.44 -0.31 -8.19
N GLY A 392 0.14 -0.41 -9.39
CA GLY A 392 0.44 -1.70 -9.99
C GLY A 392 1.76 -1.65 -10.73
N GLU A 393 2.29 -2.83 -11.10
CA GLU A 393 3.55 -2.92 -11.84
C GLU A 393 3.45 -2.32 -13.26
N ASN A 394 2.22 -2.15 -13.74
CA ASN A 394 1.94 -1.36 -14.94
C ASN A 394 0.61 -0.61 -14.81
N ARG A 395 0.33 0.24 -15.79
CA ARG A 395 -0.88 1.06 -15.78
C ARG A 395 -2.16 0.22 -15.68
N ASP A 396 -2.25 -0.84 -16.49
CA ASP A 396 -3.43 -1.70 -16.53
C ASP A 396 -3.74 -2.34 -15.17
N VAL A 397 -2.73 -2.84 -14.46
CA VAL A 397 -2.89 -3.37 -13.10
C VAL A 397 -3.35 -2.28 -12.10
N ALA A 398 -2.81 -1.07 -12.23
CA ALA A 398 -3.27 0.06 -11.42
C ALA A 398 -4.74 0.40 -11.65
N ILE A 399 -5.16 0.44 -12.92
CA ILE A 399 -6.57 0.66 -13.29
C ILE A 399 -7.47 -0.47 -12.78
N ALA A 400 -7.05 -1.72 -12.99
CA ALA A 400 -7.77 -2.89 -12.49
C ALA A 400 -7.92 -2.89 -10.96
N ARG A 401 -6.86 -2.52 -10.26
CA ARG A 401 -6.92 -2.41 -8.79
C ARG A 401 -7.85 -1.29 -8.35
N MET A 402 -7.86 -0.20 -9.12
CA MET A 402 -8.72 0.94 -8.82
C MET A 402 -10.21 0.57 -8.87
N LYS A 403 -10.61 -0.09 -9.97
CA LYS A 403 -11.97 -0.58 -10.18
C LYS A 403 -12.47 -1.45 -9.04
N ASN A 404 -11.64 -2.42 -8.64
CA ASN A 404 -11.98 -3.33 -7.55
C ASN A 404 -12.13 -2.58 -6.23
N ALA A 405 -11.19 -1.66 -5.98
CA ALA A 405 -11.19 -0.85 -4.77
C ALA A 405 -12.40 0.09 -4.69
N LEU A 406 -12.75 0.70 -5.82
CA LEU A 406 -13.95 1.55 -5.91
C LEU A 406 -15.24 0.78 -5.64
N GLN A 407 -15.21 -0.53 -5.87
CA GLN A 407 -16.38 -1.39 -5.67
C GLN A 407 -16.48 -1.94 -4.25
N GLU A 408 -15.39 -1.80 -3.49
CA GLU A 408 -15.35 -2.16 -2.07
C GLU A 408 -15.68 -0.96 -1.19
N LEU A 409 -15.38 0.23 -1.71
CA LEU A 409 -15.62 1.48 -1.00
C LEU A 409 -17.11 1.71 -0.79
N ILE A 410 -17.49 1.84 0.48
CA ILE A 410 -18.87 2.15 0.85
C ILE A 410 -18.85 3.45 1.64
N ILE A 411 -19.60 4.45 1.13
CA ILE A 411 -19.82 5.69 1.85
C ILE A 411 -21.31 6.04 1.71
N ASP A 412 -22.09 5.61 2.69
CA ASP A 412 -23.53 5.86 2.70
C ASP A 412 -23.88 7.06 3.57
N GLY A 413 -25.06 7.63 3.32
CA GLY A 413 -25.54 8.77 4.08
C GLY A 413 -25.32 10.09 3.38
N ILE A 414 -24.35 10.10 2.46
CA ILE A 414 -24.03 11.28 1.65
C ILE A 414 -23.82 10.87 0.19
N LYS A 415 -23.93 11.85 -0.70
CA LYS A 415 -23.73 11.62 -2.12
C LYS A 415 -22.26 11.77 -2.44
N THR A 416 -21.75 10.89 -3.31
CA THR A 416 -20.34 10.93 -3.72
C THR A 416 -20.15 10.75 -5.25
N ASN A 417 -18.91 10.96 -5.69
CA ASN A 417 -18.53 10.74 -7.09
C ASN A 417 -17.91 9.36 -7.36
N VAL A 418 -18.15 8.40 -6.46
CA VAL A 418 -17.61 7.04 -6.61
C VAL A 418 -18.11 6.39 -7.90
N ASP A 419 -19.39 6.55 -8.20
CA ASP A 419 -19.98 6.02 -9.44
C ASP A 419 -19.39 6.66 -10.70
N LEU A 420 -19.07 7.96 -10.61
CA LEU A 420 -18.42 8.65 -11.72
C LEU A 420 -17.00 8.13 -11.92
N GLN A 421 -16.25 7.98 -10.82
CA GLN A 421 -14.89 7.45 -10.88
C GLN A 421 -14.86 6.08 -11.53
N ILE A 422 -15.82 5.22 -11.14
CA ILE A 422 -16.03 3.90 -11.75
C ILE A 422 -16.26 4.00 -13.27
N ARG A 423 -17.11 4.94 -13.69
CA ARG A 423 -17.33 5.25 -15.10
C ARG A 423 -16.05 5.63 -15.84
N ILE A 424 -15.23 6.48 -15.23
CA ILE A 424 -13.95 6.92 -15.82
C ILE A 424 -12.94 5.77 -15.96
N MET A 425 -12.86 4.93 -14.93
CA MET A 425 -12.00 3.74 -14.97
C MET A 425 -12.36 2.77 -16.10
N ASN A 426 -13.66 2.68 -16.40
CA ASN A 426 -14.17 1.81 -17.45
C ASN A 426 -14.25 2.51 -18.82
N ASP A 427 -13.77 3.75 -18.87
CA ASP A 427 -13.79 4.53 -20.09
C ASP A 427 -12.66 4.05 -21.03
N GLU A 428 -13.04 3.70 -22.25
CA GLU A 428 -12.11 3.10 -23.23
C GLU A 428 -10.94 4.02 -23.58
N ASN A 429 -11.22 5.32 -23.63
CA ASN A 429 -10.19 6.31 -23.94
C ASN A 429 -9.23 6.54 -22.78
N PHE A 430 -9.77 6.57 -21.55
CA PHE A 430 -8.92 6.59 -20.36
C PHE A 430 -8.05 5.33 -20.31
N GLN A 431 -8.67 4.18 -20.55
CA GLN A 431 -7.95 2.91 -20.57
C GLN A 431 -6.85 2.87 -21.63
N HIS A 432 -7.08 3.54 -22.77
CA HIS A 432 -6.02 3.75 -23.75
C HIS A 432 -4.93 4.68 -23.21
N GLY A 433 -5.35 5.77 -22.57
CA GLY A 433 -4.43 6.74 -22.00
C GLY A 433 -4.18 7.92 -22.91
N GLY A 434 -3.71 9.02 -22.32
CA GLY A 434 -3.31 10.21 -23.07
C GLY A 434 -4.43 11.16 -23.47
N THR A 435 -5.57 11.07 -22.81
CA THR A 435 -6.69 12.00 -23.06
C THR A 435 -6.37 13.40 -22.57
N ASN A 436 -6.82 14.41 -23.31
CA ASN A 436 -6.47 15.80 -23.02
C ASN A 436 -7.30 16.41 -21.87
N ILE A 437 -7.03 17.67 -21.58
CA ILE A 437 -7.68 18.39 -20.47
C ILE A 437 -9.19 18.59 -20.64
N HIS A 438 -9.68 18.42 -21.87
CA HIS A 438 -11.09 18.66 -22.16
C HIS A 438 -11.95 17.40 -22.20
N TYR A 439 -11.32 16.24 -22.05
CA TYR A 439 -12.01 14.97 -22.25
C TYR A 439 -13.22 14.71 -21.34
N LEU A 440 -13.07 14.92 -20.03
CA LEU A 440 -14.13 14.59 -19.09
C LEU A 440 -15.39 15.42 -19.32
N GLU A 441 -15.23 16.72 -19.55
CA GLU A 441 -16.35 17.62 -19.83
C GLU A 441 -17.07 17.27 -21.13
N LYS A 442 -16.30 16.82 -22.13
CA LYS A 442 -16.83 16.29 -23.38
C LYS A 442 -17.60 14.98 -23.18
N LYS A 443 -17.08 14.12 -22.30
CA LYS A 443 -17.71 12.84 -21.97
C LYS A 443 -19.00 13.05 -21.18
N LEU A 444 -18.95 13.97 -20.20
CA LEU A 444 -20.12 14.31 -19.40
C LEU A 444 -21.19 15.03 -20.23
N GLY A 445 -20.76 15.83 -21.20
CA GLY A 445 -21.66 16.50 -22.13
C GLY A 445 -22.46 15.55 -22.99
N LEU A 446 -21.85 14.40 -23.34
CA LEU A 446 -22.53 13.34 -24.07
C LEU A 446 -23.42 12.49 -23.15
N GLN A 447 -24.32 11.77 -23.61
N MET B 1 -5.92 -17.89 -19.72
CA MET B 1 -6.41 -17.48 -18.36
C MET B 1 -7.70 -18.21 -17.95
N LEU B 2 -7.82 -18.50 -16.65
CA LEU B 2 -8.97 -19.22 -16.11
C LEU B 2 -10.25 -18.40 -16.18
N ASP B 3 -11.33 -19.04 -16.60
CA ASP B 3 -12.61 -18.36 -16.80
C ASP B 3 -13.34 -18.13 -15.47
N LYS B 4 -13.42 -19.19 -14.67
CA LYS B 4 -14.21 -19.19 -13.44
C LYS B 4 -13.58 -20.16 -12.46
N ILE B 5 -13.35 -19.70 -11.23
CA ILE B 5 -12.80 -20.56 -10.19
C ILE B 5 -13.65 -20.57 -8.92
N VAL B 6 -13.61 -21.69 -8.21
CA VAL B 6 -14.16 -21.77 -6.86
C VAL B 6 -13.06 -21.41 -5.88
N ILE B 7 -13.37 -20.49 -4.98
CA ILE B 7 -12.50 -20.16 -3.88
C ILE B 7 -12.92 -21.06 -2.70
N ALA B 8 -12.22 -22.19 -2.56
CA ALA B 8 -12.55 -23.18 -1.53
C ALA B 8 -11.93 -22.80 -0.18
N ASN B 9 -12.39 -21.68 0.36
CA ASN B 9 -11.89 -21.14 1.62
C ASN B 9 -12.79 -20.00 2.07
N ARG B 10 -12.35 -19.28 3.10
CA ARG B 10 -13.16 -18.27 3.78
C ARG B 10 -12.21 -17.20 4.30
N GLY B 11 -12.76 -16.22 5.01
CA GLY B 11 -11.96 -15.25 5.75
C GLY B 11 -11.17 -14.29 4.87
N GLU B 12 -10.00 -13.89 5.36
CA GLU B 12 -9.18 -12.90 4.68
C GLU B 12 -8.58 -13.43 3.38
N ILE B 13 -8.23 -14.72 3.37
CA ILE B 13 -7.57 -15.35 2.22
C ILE B 13 -8.51 -15.53 1.04
N ALA B 14 -9.78 -15.81 1.34
CA ALA B 14 -10.81 -15.88 0.32
C ALA B 14 -10.99 -14.52 -0.35
N LEU B 15 -10.94 -13.45 0.44
CA LEU B 15 -11.00 -12.09 -0.08
C LEU B 15 -9.74 -11.73 -0.87
N ARG B 16 -8.58 -12.14 -0.35
CA ARG B 16 -7.31 -11.99 -1.04
C ARG B 16 -7.37 -12.61 -2.45
N ILE B 17 -7.86 -13.85 -2.53
CA ILE B 17 -8.02 -14.58 -3.80
C ILE B 17 -9.05 -13.92 -4.71
N LEU B 18 -10.17 -13.48 -4.14
CA LEU B 18 -11.20 -12.78 -4.91
C LEU B 18 -10.64 -11.57 -5.68
N ARG B 19 -9.92 -10.69 -4.99
CA ARG B 19 -9.30 -9.50 -5.59
C ARG B 19 -8.32 -9.83 -6.72
N ALA B 20 -7.49 -10.87 -6.51
CA ALA B 20 -6.56 -11.31 -7.54
C ALA B 20 -7.31 -11.81 -8.77
N CYS B 21 -8.41 -12.52 -8.53
CA CYS B 21 -9.28 -13.00 -9.62
C CYS B 21 -9.89 -11.87 -10.44
N LYS B 22 -10.51 -10.90 -9.76
CA LYS B 22 -11.16 -9.75 -10.40
C LYS B 22 -10.19 -8.93 -11.24
N GLU B 23 -8.96 -8.78 -10.75
CA GLU B 23 -7.89 -8.10 -11.47
C GLU B 23 -7.54 -8.80 -12.78
N LEU B 24 -7.59 -10.13 -12.76
CA LEU B 24 -7.30 -10.93 -13.94
C LEU B 24 -8.54 -11.18 -14.80
N GLY B 25 -9.70 -10.71 -14.33
CA GLY B 25 -10.97 -10.95 -15.03
C GLY B 25 -11.45 -12.39 -14.91
N ILE B 26 -11.05 -13.05 -13.83
CA ILE B 26 -11.49 -14.41 -13.55
C ILE B 26 -12.78 -14.33 -12.76
N LYS B 27 -13.79 -15.05 -13.21
CA LYS B 27 -15.08 -15.10 -12.50
C LYS B 27 -14.93 -15.85 -11.19
N THR B 28 -15.61 -15.40 -10.16
CA THR B 28 -15.50 -16.03 -8.85
C THR B 28 -16.76 -16.75 -8.42
N VAL B 29 -16.55 -17.91 -7.80
CA VAL B 29 -17.59 -18.63 -7.11
C VAL B 29 -17.17 -18.71 -5.66
N ALA B 30 -18.00 -18.14 -4.78
CA ALA B 30 -17.76 -18.20 -3.34
C ALA B 30 -18.61 -19.30 -2.72
N VAL B 31 -17.96 -20.39 -2.37
CA VAL B 31 -18.59 -21.44 -1.58
C VAL B 31 -18.44 -21.11 -0.10
N HIS B 32 -19.54 -21.19 0.63
CA HIS B 32 -19.56 -20.78 2.03
C HIS B 32 -20.45 -21.69 2.87
N SER B 33 -20.19 -21.72 4.17
CA SER B 33 -21.11 -22.34 5.13
C SER B 33 -22.30 -21.41 5.36
N SER B 34 -23.35 -21.94 5.97
CA SER B 34 -24.51 -21.13 6.35
C SER B 34 -24.16 -19.99 7.31
N ALA B 35 -23.05 -20.14 8.04
CA ALA B 35 -22.59 -19.13 9.00
C ALA B 35 -21.81 -18.00 8.35
N ASP B 36 -21.30 -18.24 7.14
CA ASP B 36 -20.40 -17.32 6.46
C ASP B 36 -21.05 -16.59 5.28
N ARG B 37 -22.38 -16.56 5.30
CA ARG B 37 -23.20 -15.91 4.28
C ARG B 37 -22.88 -14.43 4.12
N ASP B 38 -22.43 -13.80 5.22
CA ASP B 38 -22.15 -12.37 5.27
C ASP B 38 -20.67 -12.02 5.18
N LEU B 39 -19.84 -12.99 4.83
CA LEU B 39 -18.41 -12.71 4.57
C LEU B 39 -18.29 -11.70 3.44
N LYS B 40 -17.30 -10.81 3.58
CA LYS B 40 -17.09 -9.75 2.59
C LYS B 40 -16.90 -10.28 1.17
N HIS B 41 -16.11 -11.35 1.02
CA HIS B 41 -15.81 -11.91 -0.31
C HIS B 41 -17.01 -12.60 -0.95
N VAL B 42 -17.83 -13.26 -0.12
CA VAL B 42 -19.10 -13.85 -0.57
C VAL B 42 -20.00 -12.77 -1.16
N LEU B 43 -20.07 -11.63 -0.48
CA LEU B 43 -20.87 -10.49 -0.90
C LEU B 43 -20.29 -9.81 -2.14
N LEU B 44 -19.03 -10.13 -2.45
CA LEU B 44 -18.36 -9.52 -3.60
C LEU B 44 -18.27 -10.46 -4.81
N ALA B 45 -18.43 -11.75 -4.55
CA ALA B 45 -18.31 -12.79 -5.58
C ALA B 45 -19.41 -12.69 -6.63
N ASP B 46 -19.12 -13.21 -7.82
CA ASP B 46 -20.06 -13.21 -8.93
C ASP B 46 -21.17 -14.22 -8.67
N GLU B 47 -20.78 -15.36 -8.09
CA GLU B 47 -21.70 -16.43 -7.76
C GLU B 47 -21.42 -16.95 -6.36
N THR B 48 -22.47 -17.39 -5.68
CA THR B 48 -22.34 -17.97 -4.34
C THR B 48 -23.11 -19.28 -4.22
N VAL B 49 -22.52 -20.23 -3.51
CA VAL B 49 -23.13 -21.53 -3.25
C VAL B 49 -22.94 -21.91 -1.78
N CYS B 50 -24.04 -22.12 -1.07
CA CYS B 50 -23.94 -22.62 0.30
C CYS B 50 -23.62 -24.11 0.25
N ILE B 51 -22.49 -24.47 0.84
CA ILE B 51 -22.00 -25.85 0.79
C ILE B 51 -22.23 -26.62 2.09
N GLY B 52 -23.05 -26.06 2.99
CA GLY B 52 -23.42 -26.78 4.21
C GLY B 52 -23.39 -25.92 5.47
N PRO B 53 -23.81 -26.51 6.60
CA PRO B 53 -23.86 -25.81 7.89
C PRO B 53 -22.49 -25.41 8.45
N ALA B 54 -22.52 -24.64 9.54
CA ALA B 54 -21.32 -24.01 10.11
C ALA B 54 -20.06 -24.87 10.29
N PRO B 55 -20.16 -26.07 10.93
CA PRO B 55 -18.93 -26.83 11.20
C PRO B 55 -18.14 -27.12 9.92
N SER B 56 -16.82 -26.97 9.99
CA SER B 56 -15.98 -27.10 8.79
C SER B 56 -16.09 -28.46 8.14
N VAL B 57 -16.26 -29.50 8.96
CA VAL B 57 -16.46 -30.88 8.50
C VAL B 57 -17.65 -30.98 7.54
N LYS B 58 -18.67 -30.15 7.78
CA LYS B 58 -19.90 -30.17 7.02
C LYS B 58 -19.83 -29.28 5.78
N SER B 59 -18.84 -28.39 5.74
CA SER B 59 -18.79 -27.38 4.69
C SER B 59 -17.43 -27.29 4.00
N TYR B 60 -16.51 -26.54 4.61
CA TYR B 60 -15.20 -26.23 4.02
C TYR B 60 -14.26 -27.43 3.87
N LEU B 61 -14.58 -28.51 4.58
CA LEU B 61 -13.82 -29.77 4.46
C LEU B 61 -14.65 -30.84 3.75
N ASN B 62 -15.81 -30.45 3.26
CA ASN B 62 -16.78 -31.34 2.62
C ASN B 62 -16.50 -31.43 1.12
N ILE B 63 -15.70 -32.42 0.75
CA ILE B 63 -15.21 -32.58 -0.62
C ILE B 63 -16.30 -32.74 -1.67
N PRO B 64 -17.25 -33.69 -1.49
CA PRO B 64 -18.36 -33.79 -2.46
C PRO B 64 -19.12 -32.49 -2.69
N ALA B 65 -19.40 -31.75 -1.61
CA ALA B 65 -20.16 -30.49 -1.70
C ALA B 65 -19.42 -29.39 -2.46
N ILE B 66 -18.11 -29.36 -2.33
CA ILE B 66 -17.26 -28.38 -3.02
C ILE B 66 -17.14 -28.71 -4.52
N ILE B 67 -16.89 -29.98 -4.84
CA ILE B 67 -16.86 -30.47 -6.22
C ILE B 67 -18.20 -30.19 -6.91
N SER B 68 -19.28 -30.56 -6.22
CA SER B 68 -20.64 -30.30 -6.69
C SER B 68 -20.86 -28.82 -7.02
N ALA B 69 -20.45 -27.93 -6.13
CA ALA B 69 -20.59 -26.48 -6.34
C ALA B 69 -19.76 -26.01 -7.52
N ALA B 70 -18.57 -26.59 -7.67
CA ALA B 70 -17.68 -26.32 -8.79
C ALA B 70 -18.29 -26.77 -10.12
N GLU B 71 -19.02 -27.89 -10.09
CA GLU B 71 -19.66 -28.45 -11.27
C GLU B 71 -20.90 -27.66 -11.71
N ILE B 72 -21.79 -27.36 -10.77
CA ILE B 72 -23.04 -26.67 -11.11
C ILE B 72 -22.81 -25.24 -11.63
N THR B 73 -21.75 -24.59 -11.19
CA THR B 73 -21.47 -23.20 -11.62
C THR B 73 -20.67 -23.11 -12.92
N GLY B 74 -20.19 -24.24 -13.41
CA GLY B 74 -19.35 -24.27 -14.60
C GLY B 74 -17.94 -23.74 -14.37
N ALA B 75 -17.43 -23.87 -13.15
CA ALA B 75 -16.06 -23.46 -12.83
C ALA B 75 -15.05 -24.42 -13.45
N VAL B 76 -13.82 -23.93 -13.68
CA VAL B 76 -12.77 -24.76 -14.28
C VAL B 76 -11.60 -25.05 -13.34
N ALA B 77 -11.54 -24.34 -12.21
CA ALA B 77 -10.45 -24.51 -11.24
C ALA B 77 -10.91 -24.22 -9.82
N ILE B 78 -10.13 -24.73 -8.87
CA ILE B 78 -10.43 -24.59 -7.45
C ILE B 78 -9.17 -24.10 -6.74
N HIS B 79 -9.30 -22.98 -6.04
CA HIS B 79 -8.24 -22.48 -5.17
C HIS B 79 -8.57 -22.88 -3.74
N PRO B 80 -7.68 -23.69 -3.11
CA PRO B 80 -7.92 -24.16 -1.75
C PRO B 80 -7.44 -23.19 -0.66
N GLY B 81 -6.69 -22.16 -1.04
CA GLY B 81 -6.12 -21.21 -0.08
C GLY B 81 -5.07 -21.85 0.81
N TYR B 82 -5.13 -21.54 2.10
CA TYR B 82 -4.34 -22.22 3.11
C TYR B 82 -5.27 -22.83 4.15
N GLY B 83 -4.73 -23.76 4.94
CA GLY B 83 -5.54 -24.54 5.87
C GLY B 83 -6.51 -25.41 5.12
N PHE B 84 -7.57 -25.84 5.80
CA PHE B 84 -8.62 -26.65 5.19
C PHE B 84 -8.09 -27.82 4.32
N LEU B 85 -8.37 -27.78 3.02
CA LEU B 85 -8.00 -28.86 2.12
C LEU B 85 -6.76 -28.59 1.26
N SER B 86 -6.03 -27.52 1.57
CA SER B 86 -4.89 -27.08 0.76
C SER B 86 -3.77 -28.12 0.62
N GLU B 87 -3.54 -28.88 1.69
CA GLU B 87 -2.50 -29.90 1.69
C GLU B 87 -3.06 -31.31 1.81
N ASN B 88 -4.32 -31.45 1.44
CA ASN B 88 -4.98 -32.74 1.32
C ASN B 88 -4.78 -33.29 -0.10
N ALA B 89 -3.87 -34.24 -0.23
CA ALA B 89 -3.50 -34.84 -1.51
C ALA B 89 -4.67 -35.54 -2.19
N ASN B 90 -5.50 -36.22 -1.39
CA ASN B 90 -6.73 -36.85 -1.88
C ASN B 90 -7.68 -35.86 -2.54
N PHE B 91 -7.74 -34.65 -2.00
CA PHE B 91 -8.55 -33.59 -2.59
C PHE B 91 -7.95 -33.06 -3.89
N ALA B 92 -6.65 -32.79 -3.89
CA ALA B 92 -5.96 -32.35 -5.11
C ALA B 92 -6.26 -33.32 -6.24
N GLU B 93 -6.08 -34.61 -5.95
CA GLU B 93 -6.28 -35.71 -6.88
C GLU B 93 -7.72 -35.81 -7.39
N GLN B 94 -8.69 -35.73 -6.49
CA GLN B 94 -10.11 -35.74 -6.85
C GLN B 94 -10.48 -34.54 -7.73
N VAL B 95 -9.96 -33.35 -7.40
CA VAL B 95 -10.19 -32.15 -8.20
C VAL B 95 -9.79 -32.41 -9.65
N GLU B 96 -8.58 -32.94 -9.85
CA GLU B 96 -8.07 -33.22 -11.20
C GLU B 96 -8.79 -34.39 -11.88
N ARG B 97 -9.21 -35.38 -11.08
CA ARG B 97 -9.99 -36.50 -11.61
C ARG B 97 -11.40 -36.09 -12.04
N SER B 98 -11.96 -35.10 -11.35
CA SER B 98 -13.27 -34.54 -11.68
C SER B 98 -13.18 -33.52 -12.83
N GLY B 99 -11.96 -33.26 -13.27
CA GLY B 99 -11.74 -32.51 -14.50
C GLY B 99 -11.44 -31.03 -14.30
N PHE B 100 -11.24 -30.62 -13.04
CA PHE B 100 -10.88 -29.24 -12.74
C PHE B 100 -9.36 -29.06 -12.64
N ILE B 101 -8.93 -27.82 -12.76
CA ILE B 101 -7.55 -27.46 -12.43
C ILE B 101 -7.46 -27.22 -10.93
N PHE B 102 -6.48 -27.86 -10.29
CA PHE B 102 -6.19 -27.61 -8.89
C PHE B 102 -5.14 -26.51 -8.82
N ILE B 103 -5.46 -25.42 -8.13
CA ILE B 103 -4.51 -24.31 -7.98
C ILE B 103 -3.55 -24.63 -6.83
N GLY B 104 -2.56 -25.47 -7.16
CA GLY B 104 -1.60 -25.98 -6.21
C GLY B 104 -0.71 -26.99 -6.92
N PRO B 105 0.07 -27.77 -6.16
CA PRO B 105 0.98 -28.72 -6.80
C PRO B 105 0.25 -29.97 -7.25
N LYS B 106 0.98 -30.87 -7.92
CA LYS B 106 0.48 -32.20 -8.20
C LYS B 106 0.23 -32.94 -6.87
N ALA B 107 -0.81 -33.76 -6.85
CA ALA B 107 -1.18 -34.51 -5.65
C ALA B 107 -0.03 -35.34 -5.08
N GLU B 108 0.78 -35.96 -5.95
CA GLU B 108 1.90 -36.80 -5.51
C GLU B 108 3.05 -35.97 -4.92
N THR B 109 3.15 -34.72 -5.35
CA THR B 109 4.08 -33.76 -4.76
C THR B 109 3.59 -33.40 -3.36
N ILE B 110 2.28 -33.24 -3.21
CA ILE B 110 1.68 -32.90 -1.91
C ILE B 110 1.95 -34.00 -0.88
N ARG B 111 1.75 -35.26 -1.25
CA ARG B 111 2.00 -36.35 -0.30
C ARG B 111 3.48 -36.66 -0.05
N LEU B 112 4.34 -36.41 -1.05
CA LEU B 112 5.79 -36.54 -0.87
C LEU B 112 6.27 -35.58 0.20
N MET B 113 5.83 -34.32 0.11
CA MET B 113 6.24 -33.29 1.06
C MET B 113 5.29 -33.22 2.26
N GLY B 114 4.21 -33.98 2.22
CA GLY B 114 3.30 -34.11 3.35
C GLY B 114 3.81 -35.10 4.37
N ASP B 115 4.49 -36.13 3.88
CA ASP B 115 5.18 -37.09 4.74
C ASP B 115 6.61 -36.57 4.98
N LYS B 116 6.93 -36.33 6.24
CA LYS B 116 8.18 -35.65 6.61
C LYS B 116 9.45 -36.45 6.36
N VAL B 117 9.39 -37.78 6.56
CA VAL B 117 10.54 -38.64 6.27
C VAL B 117 10.87 -38.64 4.78
N SER B 118 9.84 -38.72 3.93
CA SER B 118 10.05 -38.71 2.48
C SER B 118 10.39 -37.32 1.97
N ALA B 119 9.82 -36.29 2.61
CA ALA B 119 10.13 -34.91 2.27
C ALA B 119 11.60 -34.58 2.55
N ILE B 120 12.08 -34.93 3.74
CA ILE B 120 13.47 -34.74 4.13
C ILE B 120 14.42 -35.50 3.21
N ALA B 121 14.10 -36.77 2.91
CA ALA B 121 14.93 -37.60 2.03
C ALA B 121 15.05 -36.99 0.63
N ALA B 122 13.96 -36.39 0.16
CA ALA B 122 13.93 -35.70 -1.13
C ALA B 122 14.83 -34.47 -1.12
N MET B 123 14.80 -33.75 0.00
CA MET B 123 15.56 -32.50 0.15
C MET B 123 17.06 -32.71 0.30
N LYS B 124 17.44 -33.72 1.06
CA LYS B 124 18.86 -34.10 1.18
C LYS B 124 19.43 -34.45 -0.19
N LYS B 125 18.68 -35.25 -0.95
CA LYS B 125 19.01 -35.63 -2.33
C LYS B 125 19.18 -34.41 -3.24
N ALA B 126 18.25 -33.46 -3.14
CA ALA B 126 18.22 -32.27 -3.99
C ALA B 126 19.37 -31.30 -3.72
N GLY B 127 20.02 -31.43 -2.57
CA GLY B 127 21.10 -30.53 -2.19
C GLY B 127 20.70 -29.47 -1.17
N VAL B 128 19.46 -29.58 -0.67
CA VAL B 128 18.98 -28.69 0.39
C VAL B 128 19.44 -29.22 1.74
N PRO B 129 20.12 -28.36 2.53
CA PRO B 129 20.61 -28.78 3.85
C PRO B 129 19.46 -29.05 4.83
N CYS B 130 19.55 -30.19 5.51
CA CYS B 130 18.58 -30.59 6.52
C CYS B 130 19.26 -30.72 7.88
N VAL B 131 18.46 -30.84 8.93
CA VAL B 131 18.97 -31.05 10.28
C VAL B 131 19.60 -32.44 10.37
N PRO B 132 20.85 -32.54 10.86
CA PRO B 132 21.44 -33.85 11.11
C PRO B 132 20.43 -34.76 11.80
N GLY B 133 20.27 -35.96 11.29
CA GLY B 133 19.26 -36.88 11.81
C GLY B 133 19.39 -38.32 11.34
N SER B 134 18.40 -39.12 11.69
CA SER B 134 18.36 -40.54 11.36
C SER B 134 18.40 -40.85 9.87
N ASP B 135 17.93 -39.89 9.06
CA ASP B 135 17.80 -40.06 7.60
C ASP B 135 16.97 -41.29 7.26
N GLY B 136 15.74 -41.32 7.76
CA GLY B 136 14.86 -42.47 7.64
C GLY B 136 14.11 -42.73 8.94
N PRO B 137 13.11 -43.63 8.89
CA PRO B 137 12.30 -43.90 10.08
C PRO B 137 13.06 -44.63 11.18
N LEU B 138 12.59 -44.49 12.42
CA LEU B 138 13.20 -45.17 13.56
C LEU B 138 12.56 -46.54 13.80
N GLY B 139 13.40 -47.54 14.03
CA GLY B 139 12.95 -48.90 14.29
C GLY B 139 12.78 -49.19 15.77
N ASP B 140 12.72 -50.48 16.11
CA ASP B 140 12.51 -50.91 17.49
C ASP B 140 13.81 -51.35 18.19
N ASP B 141 14.91 -51.37 17.44
CA ASP B 141 16.23 -51.70 18.01
C ASP B 141 16.76 -50.51 18.80
N MET B 142 16.98 -50.74 20.09
CA MET B 142 17.42 -49.69 21.01
C MET B 142 18.89 -49.31 20.83
N ASP B 143 19.69 -50.22 20.28
CA ASP B 143 21.09 -49.96 20.00
C ASP B 143 21.29 -49.01 18.82
N LYS B 144 20.49 -49.20 17.76
CA LYS B 144 20.52 -48.33 16.58
C LYS B 144 20.00 -46.93 16.91
N ASN B 145 18.88 -46.87 17.64
CA ASN B 145 18.30 -45.60 18.09
C ASN B 145 19.22 -44.83 19.03
N ARG B 146 20.10 -45.54 19.72
CA ARG B 146 21.05 -44.94 20.65
C ARG B 146 22.30 -44.44 19.93
N ALA B 147 22.74 -45.19 18.93
CA ALA B 147 23.91 -44.84 18.12
C ALA B 147 23.65 -43.62 17.23
N ILE B 148 22.41 -43.50 16.74
CA ILE B 148 21.98 -42.34 15.96
C ILE B 148 22.05 -41.07 16.83
N ALA B 149 21.55 -41.18 18.06
CA ALA B 149 21.55 -40.07 19.01
C ALA B 149 22.96 -39.59 19.39
N LYS B 150 23.89 -40.55 19.51
CA LYS B 150 25.29 -40.26 19.86
C LYS B 150 26.06 -39.61 18.70
N ARG B 151 25.82 -40.11 17.49
CA ARG B 151 26.41 -39.56 16.27
C ARG B 151 25.95 -38.12 16.08
N ILE B 152 24.65 -37.90 16.25
CA ILE B 152 24.04 -36.57 16.19
C ILE B 152 24.56 -35.68 17.31
N GLY B 153 24.56 -36.21 18.53
CA GLY B 153 24.94 -35.44 19.72
C GLY B 153 23.72 -34.82 20.37
N TYR B 154 23.59 -35.03 21.67
CA TYR B 154 22.45 -34.53 22.44
C TYR B 154 22.45 -33.00 22.58
N PRO B 155 21.26 -32.38 22.71
CA PRO B 155 19.93 -33.02 22.75
C PRO B 155 19.39 -33.40 21.37
N VAL B 156 18.44 -34.32 21.35
CA VAL B 156 17.78 -34.77 20.11
C VAL B 156 16.26 -34.58 20.19
N ILE B 157 15.61 -34.56 19.03
CA ILE B 157 14.16 -34.43 18.96
C ILE B 157 13.53 -35.56 18.14
N ILE B 158 12.54 -36.23 18.73
CA ILE B 158 11.76 -37.25 18.05
C ILE B 158 10.52 -36.60 17.45
N LYS B 159 10.37 -36.72 16.14
CA LYS B 159 9.22 -36.12 15.43
C LYS B 159 8.39 -37.18 14.69
N ALA B 160 7.08 -36.96 14.67
CA ALA B 160 6.16 -37.82 13.93
C ALA B 160 6.19 -37.49 12.44
N SER B 161 6.40 -38.52 11.62
CA SER B 161 6.49 -38.36 10.17
C SER B 161 5.18 -37.88 9.54
N GLY B 162 4.05 -38.36 10.07
CA GLY B 162 2.73 -37.95 9.60
C GLY B 162 2.17 -36.77 10.37
N GLY B 163 2.95 -36.29 11.34
CA GLY B 163 2.52 -35.18 12.21
C GLY B 163 2.85 -33.80 11.66
N GLY B 164 2.67 -32.80 12.51
CA GLY B 164 2.92 -31.41 12.15
C GLY B 164 2.31 -30.44 13.15
N GLY B 165 2.94 -29.28 13.31
CA GLY B 165 2.50 -28.28 14.26
C GLY B 165 3.23 -28.42 15.59
N GLY B 166 2.53 -28.95 16.59
CA GLY B 166 3.09 -29.14 17.93
C GLY B 166 2.88 -30.54 18.49
N ARG B 167 1.76 -31.15 18.14
CA ARG B 167 1.41 -32.49 18.61
C ARG B 167 2.35 -33.56 18.04
N GLY B 168 2.82 -34.46 18.90
CA GLY B 168 3.68 -35.57 18.49
C GLY B 168 5.15 -35.21 18.38
N MET B 169 5.67 -34.53 19.41
CA MET B 169 7.07 -34.15 19.49
C MET B 169 7.62 -34.28 20.90
N ARG B 170 8.83 -34.82 21.01
CA ARG B 170 9.52 -34.93 22.30
C ARG B 170 11.02 -34.67 22.17
N VAL B 171 11.56 -33.96 23.15
CA VAL B 171 12.97 -33.62 23.21
C VAL B 171 13.68 -34.48 24.26
N VAL B 172 14.77 -35.12 23.86
CA VAL B 172 15.54 -35.98 24.76
C VAL B 172 16.94 -35.40 25.00
N ARG B 173 17.37 -35.42 26.27
CA ARG B 173 18.67 -34.88 26.64
C ARG B 173 19.57 -35.95 27.31
N GLY B 174 19.11 -37.20 27.28
CA GLY B 174 19.86 -38.32 27.85
C GLY B 174 19.46 -39.68 27.29
N ASP B 175 20.00 -40.73 27.89
CA ASP B 175 19.69 -42.10 27.47
C ASP B 175 18.58 -42.72 28.34
N ALA B 176 18.38 -42.15 29.52
CA ALA B 176 17.38 -42.62 30.47
C ALA B 176 15.95 -42.26 30.05
N GLU B 177 15.84 -41.20 29.24
CA GLU B 177 14.54 -40.71 28.77
C GLU B 177 14.23 -41.17 27.35
N LEU B 178 15.27 -41.59 26.63
CA LEU B 178 15.15 -41.99 25.22
C LEU B 178 14.24 -43.19 24.99
N ALA B 179 14.24 -44.12 25.94
CA ALA B 179 13.43 -45.33 25.85
C ALA B 179 11.93 -45.06 25.73
N GLN B 180 11.42 -44.23 26.64
CA GLN B 180 9.99 -43.93 26.69
C GLN B 180 9.57 -42.77 25.78
N SER B 181 10.55 -42.02 25.28
CA SER B 181 10.29 -40.87 24.40
C SER B 181 9.88 -41.29 22.99
N ILE B 182 10.53 -42.33 22.46
CA ILE B 182 10.23 -42.85 21.12
C ILE B 182 8.89 -43.58 21.12
N SER B 183 8.56 -44.23 22.24
CA SER B 183 7.31 -44.97 22.37
C SER B 183 6.09 -44.07 22.54
N MET B 184 6.21 -43.03 23.36
CA MET B 184 5.12 -42.08 23.57
C MET B 184 4.81 -41.26 22.32
N THR B 185 5.85 -40.89 21.58
CA THR B 185 5.70 -40.15 20.32
C THR B 185 5.06 -41.02 19.24
N ARG B 186 5.40 -42.31 19.24
CA ARG B 186 4.85 -43.28 18.30
C ARG B 186 3.35 -43.51 18.53
N ALA B 187 2.96 -43.61 19.81
CA ALA B 187 1.57 -43.82 20.19
C ALA B 187 0.71 -42.58 19.97
N GLU B 188 1.30 -41.41 20.20
CA GLU B 188 0.61 -40.12 20.02
C GLU B 188 0.49 -39.70 18.55
N ALA B 189 1.28 -40.34 17.69
CA ALA B 189 1.22 -40.12 16.24
C ALA B 189 0.12 -40.97 15.60
N LYS B 190 -0.11 -42.16 16.16
CA LYS B 190 -1.15 -43.08 15.70
C LYS B 190 -2.54 -42.58 16.11
N ALA B 191 -2.61 -41.88 17.24
CA ALA B 191 -3.86 -41.36 17.77
C ALA B 191 -4.54 -40.34 16.85
N ALA B 192 -3.74 -39.39 16.36
CA ALA B 192 -4.26 -38.31 15.51
C ALA B 192 -4.04 -38.58 14.02
N PHE B 193 -2.78 -38.77 13.64
CA PHE B 193 -2.38 -38.86 12.24
C PHE B 193 -2.41 -40.29 11.69
N SER B 194 -2.77 -41.24 12.57
CA SER B 194 -2.88 -42.68 12.24
C SER B 194 -1.61 -43.30 11.64
N ASN B 195 -0.57 -42.49 11.53
CA ASN B 195 0.73 -42.93 11.07
C ASN B 195 1.72 -42.88 12.23
N ASP B 196 2.18 -44.06 12.65
CA ASP B 196 3.07 -44.19 13.81
C ASP B 196 4.56 -44.11 13.44
N MET B 197 4.86 -43.62 12.24
CA MET B 197 6.25 -43.45 11.81
C MET B 197 6.88 -42.23 12.51
N VAL B 198 8.07 -42.43 13.06
CA VAL B 198 8.80 -41.37 13.76
C VAL B 198 10.25 -41.31 13.31
N TYR B 199 10.85 -40.13 13.44
CA TYR B 199 12.24 -39.92 13.08
C TYR B 199 12.96 -39.04 14.10
N MET B 200 14.29 -39.11 14.10
CA MET B 200 15.11 -38.35 15.03
C MET B 200 15.98 -37.35 14.29
N GLU B 201 16.09 -36.15 14.85
CA GLU B 201 17.04 -35.14 14.39
C GLU B 201 17.61 -34.36 15.59
N LYS B 202 18.70 -33.63 15.38
CA LYS B 202 19.31 -32.85 16.45
C LYS B 202 18.39 -31.71 16.88
N TYR B 203 18.28 -31.52 18.19
CA TYR B 203 17.49 -30.41 18.73
C TYR B 203 18.30 -29.12 18.73
N LEU B 204 17.86 -28.18 17.90
CA LEU B 204 18.47 -26.85 17.86
C LEU B 204 17.85 -26.01 18.96
N GLU B 205 18.69 -25.59 19.91
CA GLU B 205 18.23 -25.01 21.17
C GLU B 205 17.54 -23.65 21.02
N ASN B 206 18.16 -22.75 20.27
CA ASN B 206 17.67 -21.39 20.10
C ASN B 206 17.71 -20.89 18.64
N PRO B 207 16.99 -21.57 17.73
CA PRO B 207 17.11 -21.15 16.34
C PRO B 207 16.13 -20.03 15.97
N ARG B 208 16.29 -19.51 14.76
CA ARG B 208 15.32 -18.62 14.16
C ARG B 208 14.50 -19.40 13.12
N HIS B 209 13.26 -18.97 12.89
CA HIS B 209 12.42 -19.59 11.90
C HIS B 209 12.47 -18.76 10.63
N VAL B 210 13.22 -19.25 9.64
CA VAL B 210 13.42 -18.52 8.39
C VAL B 210 12.99 -19.38 7.20
N GLU B 211 12.10 -18.82 6.37
CA GLU B 211 11.50 -19.58 5.29
C GLU B 211 11.68 -18.94 3.91
N ILE B 212 11.81 -19.76 2.89
CA ILE B 212 12.01 -19.29 1.52
C ILE B 212 10.73 -19.42 0.70
N GLN B 213 10.30 -18.32 0.10
CA GLN B 213 9.21 -18.32 -0.86
C GLN B 213 9.72 -18.76 -2.22
N VAL B 214 9.03 -19.69 -2.85
CA VAL B 214 9.35 -20.14 -4.20
C VAL B 214 8.13 -20.09 -5.13
N LEU B 215 8.38 -19.95 -6.43
CA LEU B 215 7.37 -20.07 -7.47
C LEU B 215 7.91 -20.99 -8.56
N ALA B 216 7.11 -21.98 -8.94
CA ALA B 216 7.47 -22.88 -10.03
C ALA B 216 6.27 -23.11 -10.92
N ASP B 217 6.49 -23.18 -12.23
CA ASP B 217 5.39 -23.36 -13.19
C ASP B 217 5.07 -24.83 -13.48
N GLY B 218 5.94 -25.72 -13.00
CA GLY B 218 5.77 -27.16 -13.22
C GLY B 218 6.20 -27.55 -14.62
N GLN B 219 7.02 -26.70 -15.24
CA GLN B 219 7.50 -26.88 -16.60
C GLN B 219 9.02 -26.78 -16.70
N GLY B 220 9.69 -26.80 -15.55
CA GLY B 220 11.14 -26.73 -15.49
C GLY B 220 11.68 -25.44 -14.91
N ASN B 221 10.81 -24.45 -14.75
CA ASN B 221 11.21 -23.14 -14.22
C ASN B 221 10.77 -22.91 -12.78
N ALA B 222 11.72 -22.52 -11.94
CA ALA B 222 11.46 -22.21 -10.55
C ALA B 222 12.28 -21.00 -10.14
N ILE B 223 11.66 -20.10 -9.36
CA ILE B 223 12.37 -18.95 -8.80
C ILE B 223 12.21 -18.83 -7.28
N TYR B 224 13.15 -18.16 -6.63
CA TYR B 224 13.02 -17.83 -5.21
C TYR B 224 12.78 -16.33 -5.01
N LEU B 225 11.92 -16.03 -4.03
CA LEU B 225 11.54 -14.65 -3.75
C LEU B 225 11.93 -14.31 -2.31
N ALA B 226 13.24 -14.40 -2.05
CA ALA B 226 13.84 -14.09 -0.75
C ALA B 226 13.23 -14.90 0.38
N GLU B 227 13.32 -14.38 1.60
CA GLU B 227 12.94 -15.11 2.80
C GLU B 227 12.03 -14.31 3.74
N ARG B 228 11.42 -15.03 4.67
CA ARG B 228 10.64 -14.43 5.74
C ARG B 228 11.11 -14.95 7.10
N ASP B 229 11.27 -14.05 8.06
CA ASP B 229 11.52 -14.46 9.44
C ASP B 229 10.20 -14.54 10.17
N CYS B 230 9.87 -15.73 10.67
CA CYS B 230 8.62 -15.97 11.35
C CYS B 230 8.84 -16.49 12.79
N SER B 231 9.91 -16.03 13.42
CA SER B 231 10.35 -16.55 14.73
C SER B 231 9.47 -16.08 15.88
N MET B 232 8.83 -14.92 15.71
CA MET B 232 7.96 -14.35 16.74
C MET B 232 6.64 -15.12 16.79
N GLN B 233 6.56 -16.05 17.74
CA GLN B 233 5.46 -17.01 17.78
C GLN B 233 5.08 -17.45 19.20
N ARG B 234 3.92 -18.10 19.31
CA ARG B 234 3.40 -18.56 20.58
C ARG B 234 2.63 -19.84 20.35
N ARG B 235 2.98 -20.89 21.10
CA ARG B 235 2.34 -22.20 20.98
C ARG B 235 2.24 -22.66 19.52
N HIS B 236 3.36 -22.53 18.80
CA HIS B 236 3.44 -22.92 17.38
C HIS B 236 2.52 -22.11 16.45
N GLN B 237 2.13 -20.92 16.90
CA GLN B 237 1.28 -20.00 16.15
C GLN B 237 2.06 -18.71 15.91
N LYS B 238 2.36 -18.42 14.64
CA LYS B 238 3.06 -17.19 14.25
C LYS B 238 2.24 -15.96 14.62
N VAL B 239 2.91 -14.92 15.09
CA VAL B 239 2.25 -13.70 15.54
C VAL B 239 2.71 -12.52 14.68
N VAL B 240 4.02 -12.44 14.47
CA VAL B 240 4.64 -11.44 13.62
C VAL B 240 5.50 -12.15 12.58
N GLU B 241 5.46 -11.67 11.34
CA GLU B 241 6.38 -12.13 10.29
C GLU B 241 6.98 -10.92 9.57
N GLU B 242 8.15 -11.10 8.98
CA GLU B 242 8.82 -10.00 8.28
C GLU B 242 9.72 -10.45 7.13
N ALA B 243 9.81 -9.60 6.12
CA ALA B 243 10.69 -9.83 4.99
C ALA B 243 11.48 -8.56 4.67
N PRO B 244 12.80 -8.68 4.44
CA PRO B 244 13.60 -9.91 4.57
C PRO B 244 13.91 -10.25 6.04
N ALA B 245 14.63 -11.34 6.28
CA ALA B 245 15.08 -11.67 7.63
C ALA B 245 16.31 -10.82 8.01
N PRO B 246 16.26 -10.14 9.16
CA PRO B 246 17.41 -9.36 9.61
C PRO B 246 18.64 -10.23 9.82
N GLY B 247 19.79 -9.76 9.36
CA GLY B 247 21.05 -10.47 9.54
C GLY B 247 21.45 -11.31 8.34
N ILE B 248 20.47 -11.68 7.52
CA ILE B 248 20.72 -12.47 6.31
C ILE B 248 21.32 -11.58 5.23
N THR B 249 22.49 -12.02 4.73
CA THR B 249 23.22 -11.31 3.69
C THR B 249 22.77 -11.76 2.30
N PRO B 250 22.97 -10.89 1.27
CA PRO B 250 22.64 -11.23 -0.12
C PRO B 250 23.24 -12.55 -0.60
N GLU B 251 24.45 -12.87 -0.15
CA GLU B 251 25.14 -14.10 -0.53
C GLU B 251 24.58 -15.33 0.17
N LEU B 252 24.22 -15.17 1.44
CA LEU B 252 23.55 -16.23 2.18
C LEU B 252 22.16 -16.50 1.61
N ARG B 253 21.51 -15.44 1.12
CA ARG B 253 20.16 -15.53 0.54
C ARG B 253 20.14 -16.32 -0.77
N ARG B 254 21.08 -16.01 -1.67
CA ARG B 254 21.17 -16.73 -2.95
C ARG B 254 21.65 -18.17 -2.76
N TYR B 255 22.50 -18.40 -1.76
CA TYR B 255 22.95 -19.74 -1.41
C TYR B 255 21.76 -20.68 -1.17
N ILE B 256 20.89 -20.29 -0.24
CA ILE B 256 19.73 -21.11 0.13
C ILE B 256 18.60 -21.00 -0.89
N GLY B 257 18.48 -19.85 -1.53
CA GLY B 257 17.45 -19.62 -2.54
C GLY B 257 17.59 -20.50 -3.77
N GLU B 258 18.81 -20.57 -4.30
CA GLU B 258 19.13 -21.41 -5.45
C GLU B 258 18.95 -22.92 -5.18
N ARG B 259 19.25 -23.34 -3.96
CA ARG B 259 19.06 -24.73 -3.56
C ARG B 259 17.58 -25.09 -3.46
N CYS B 260 16.78 -24.17 -2.95
CA CYS B 260 15.33 -24.34 -2.91
C CYS B 260 14.73 -24.40 -4.30
N ALA B 261 15.18 -23.49 -5.18
CA ALA B 261 14.76 -23.46 -6.58
C ALA B 261 15.15 -24.75 -7.30
N LYS B 262 16.36 -25.23 -7.03
CA LYS B 262 16.86 -26.49 -7.58
C LYS B 262 16.00 -27.66 -7.10
N ALA B 263 15.69 -27.66 -5.80
CA ALA B 263 14.81 -28.68 -5.22
C ALA B 263 13.43 -28.72 -5.90
N CYS B 264 12.89 -27.54 -6.25
CA CYS B 264 11.61 -27.46 -6.97
C CYS B 264 11.66 -28.16 -8.33
N VAL B 265 12.75 -27.95 -9.06
CA VAL B 265 12.95 -28.63 -10.36
C VAL B 265 13.05 -30.14 -10.17
N ASP B 266 13.89 -30.58 -9.23
CA ASP B 266 14.10 -32.01 -8.95
C ASP B 266 12.83 -32.79 -8.60
N ILE B 267 11.90 -32.16 -7.88
CA ILE B 267 10.64 -32.79 -7.46
C ILE B 267 9.45 -32.43 -8.36
N GLY B 268 9.73 -31.70 -9.45
CA GLY B 268 8.69 -31.23 -10.37
C GLY B 268 7.64 -30.33 -9.75
N TYR B 269 8.05 -29.45 -8.83
CA TYR B 269 7.10 -28.61 -8.08
C TYR B 269 6.33 -27.64 -8.98
N ARG B 270 5.06 -27.42 -8.65
CA ARG B 270 4.21 -26.54 -9.45
C ARG B 270 3.42 -25.61 -8.53
N GLY B 271 3.52 -24.31 -8.81
CA GLY B 271 2.78 -23.29 -8.10
C GLY B 271 3.63 -22.56 -7.07
N ALA B 272 2.97 -21.99 -6.06
CA ALA B 272 3.67 -21.33 -4.96
C ALA B 272 3.99 -22.33 -3.85
N GLY B 273 5.15 -22.17 -3.23
CA GLY B 273 5.56 -23.04 -2.13
C GLY B 273 6.46 -22.36 -1.13
N THR B 274 6.65 -22.99 0.02
CA THR B 274 7.55 -22.46 1.04
C THR B 274 8.38 -23.54 1.67
N PHE B 275 9.69 -23.32 1.68
CA PHE B 275 10.62 -24.16 2.40
C PHE B 275 10.86 -23.52 3.78
N GLU B 276 10.49 -24.24 4.84
CA GLU B 276 10.74 -23.78 6.20
C GLU B 276 12.09 -24.28 6.70
N PHE B 277 12.89 -23.36 7.23
CA PHE B 277 14.20 -23.68 7.80
C PHE B 277 14.31 -23.22 9.25
N LEU B 278 15.06 -23.98 10.03
CA LEU B 278 15.60 -23.50 11.29
C LEU B 278 16.96 -22.88 10.96
N PHE B 279 17.14 -21.62 11.35
CA PHE B 279 18.40 -20.92 11.11
C PHE B 279 19.12 -20.67 12.43
N GLU B 280 20.28 -21.31 12.58
CA GLU B 280 21.13 -21.17 13.76
C GLU B 280 22.60 -21.13 13.37
N ASN B 281 23.39 -20.33 14.08
CA ASN B 281 24.84 -20.19 13.83
C ASN B 281 25.20 -20.00 12.36
N GLY B 282 24.41 -19.20 11.65
CA GLY B 282 24.67 -18.90 10.24
C GLY B 282 24.36 -20.03 9.28
N GLU B 283 23.68 -21.06 9.78
CA GLU B 283 23.41 -22.28 9.01
C GLU B 283 21.91 -22.57 8.89
N PHE B 284 21.50 -22.98 7.69
CA PHE B 284 20.11 -23.34 7.41
C PHE B 284 19.88 -24.85 7.59
N TYR B 285 18.76 -25.20 8.22
CA TYR B 285 18.38 -26.59 8.44
C TYR B 285 16.91 -26.80 8.07
N PHE B 286 16.66 -27.54 6.99
CA PHE B 286 15.30 -27.80 6.50
C PHE B 286 14.48 -28.62 7.50
N ILE B 287 13.24 -28.21 7.73
CA ILE B 287 12.31 -28.96 8.58
C ILE B 287 11.04 -29.44 7.88
N GLU B 288 10.46 -28.59 7.03
CA GLU B 288 9.30 -28.97 6.22
C GLU B 288 8.93 -28.00 5.10
N MET B 289 8.21 -28.53 4.11
CA MET B 289 7.72 -27.73 3.02
C MET B 289 6.21 -27.58 3.10
N ASN B 290 5.75 -26.35 2.93
CA ASN B 290 4.35 -26.03 2.81
C ASN B 290 4.02 -25.89 1.33
N THR B 291 3.20 -26.82 0.83
CA THR B 291 2.90 -26.92 -0.59
C THR B 291 1.65 -26.13 -0.96
N ARG B 292 1.68 -24.83 -0.70
CA ARG B 292 0.53 -23.94 -0.82
C ARG B 292 0.95 -22.50 -0.57
N ILE B 293 0.02 -21.58 -0.78
CA ILE B 293 0.21 -20.20 -0.33
C ILE B 293 0.14 -20.15 1.20
N GLN B 294 0.81 -19.18 1.80
CA GLN B 294 0.81 -19.05 3.26
C GLN B 294 0.19 -17.73 3.70
N VAL B 295 -0.28 -17.73 4.94
CA VAL B 295 -0.78 -16.52 5.61
C VAL B 295 0.13 -15.32 5.35
N GLU B 296 1.43 -15.52 5.57
CA GLU B 296 2.40 -14.42 5.61
C GLU B 296 2.97 -14.01 4.25
N HIS B 297 2.38 -14.51 3.17
CA HIS B 297 2.80 -14.17 1.80
C HIS B 297 2.87 -12.67 1.45
N PRO B 298 2.01 -11.82 2.06
CA PRO B 298 2.07 -10.40 1.72
C PRO B 298 3.41 -9.69 1.98
N VAL B 299 4.14 -10.06 3.03
CA VAL B 299 5.44 -9.42 3.31
C VAL B 299 6.49 -9.65 2.21
N THR B 300 6.41 -10.80 1.56
CA THR B 300 7.25 -11.14 0.41
C THR B 300 6.85 -10.32 -0.81
N GLU B 301 5.54 -10.20 -1.02
CA GLU B 301 5.01 -9.37 -2.10
C GLU B 301 5.47 -7.92 -1.98
N MET B 302 5.48 -7.38 -0.76
CA MET B 302 5.85 -5.99 -0.52
C MET B 302 7.28 -5.68 -0.95
N ILE B 303 8.17 -6.65 -0.76
CA ILE B 303 9.61 -6.43 -1.00
C ILE B 303 10.09 -6.82 -2.41
N THR B 304 9.30 -7.63 -3.11
CA THR B 304 9.65 -8.10 -4.45
C THR B 304 8.79 -7.45 -5.55
N GLY B 305 7.58 -7.04 -5.20
CA GLY B 305 6.63 -6.49 -6.16
C GLY B 305 5.79 -7.55 -6.84
N VAL B 306 6.06 -8.81 -6.52
CA VAL B 306 5.37 -9.93 -7.13
C VAL B 306 4.03 -10.19 -6.44
N ASP B 307 2.96 -10.23 -7.24
CA ASP B 307 1.66 -10.66 -6.74
C ASP B 307 1.63 -12.17 -6.79
N LEU B 308 1.70 -12.80 -5.62
CA LEU B 308 1.91 -14.26 -5.52
C LEU B 308 0.66 -15.07 -5.86
N ILE B 309 -0.50 -14.52 -5.56
CA ILE B 309 -1.79 -15.16 -5.86
C ILE B 309 -2.07 -15.16 -7.36
N LYS B 310 -1.79 -14.04 -8.02
CA LYS B 310 -1.91 -13.93 -9.47
C LYS B 310 -0.98 -14.88 -10.21
N GLU B 311 0.24 -15.01 -9.71
CA GLU B 311 1.20 -15.97 -10.28
C GLU B 311 0.69 -17.39 -10.15
N GLN B 312 0.09 -17.72 -9.00
CA GLN B 312 -0.59 -19.01 -8.80
C GLN B 312 -1.63 -19.26 -9.88
N LEU B 313 -2.43 -18.23 -10.15
CA LEU B 313 -3.52 -18.32 -11.11
C LEU B 313 -2.99 -18.44 -12.53
N ARG B 314 -1.90 -17.70 -12.82
CA ARG B 314 -1.22 -17.78 -14.12
C ARG B 314 -0.60 -19.16 -14.37
N ILE B 315 0.06 -19.71 -13.35
CA ILE B 315 0.67 -21.04 -13.43
C ILE B 315 -0.40 -22.13 -13.59
N ALA B 316 -1.51 -21.98 -12.89
CA ALA B 316 -2.64 -22.89 -13.00
C ALA B 316 -3.26 -22.87 -14.40
N ALA B 317 -3.19 -21.72 -15.06
CA ALA B 317 -3.68 -21.58 -16.43
C ALA B 317 -2.68 -22.08 -17.47
N GLY B 318 -1.64 -22.77 -17.02
CA GLY B 318 -0.65 -23.37 -17.91
C GLY B 318 0.39 -22.40 -18.44
N GLN B 319 0.51 -21.23 -17.83
CA GLN B 319 1.49 -20.23 -18.24
C GLN B 319 2.82 -20.45 -17.54
N PRO B 320 3.93 -20.43 -18.31
CA PRO B 320 5.26 -20.51 -17.72
C PRO B 320 5.60 -19.23 -16.94
N LEU B 321 6.53 -19.33 -15.99
CA LEU B 321 7.01 -18.16 -15.27
C LEU B 321 7.56 -17.14 -16.27
N SER B 322 7.03 -15.92 -16.21
CA SER B 322 7.50 -14.83 -17.05
C SER B 322 8.69 -14.15 -16.38
N ILE B 323 8.83 -14.40 -15.08
CA ILE B 323 9.84 -13.77 -14.25
C ILE B 323 11.10 -14.63 -14.20
N LYS B 324 12.23 -14.02 -14.51
CA LYS B 324 13.54 -14.64 -14.37
C LYS B 324 14.13 -14.26 -13.01
N GLN B 325 15.02 -15.11 -12.49
CA GLN B 325 15.63 -14.89 -11.18
C GLN B 325 16.42 -13.57 -11.12
N GLU B 326 17.02 -13.20 -12.25
CA GLU B 326 17.75 -11.94 -12.42
C GLU B 326 16.87 -10.71 -12.26
N GLU B 327 15.57 -10.89 -12.46
CA GLU B 327 14.57 -9.82 -12.35
C GLU B 327 13.99 -9.68 -10.94
N VAL B 328 14.26 -10.66 -10.07
CA VAL B 328 13.75 -10.63 -8.70
C VAL B 328 14.70 -9.82 -7.82
N HIS B 329 14.17 -8.76 -7.22
CA HIS B 329 14.98 -7.87 -6.38
C HIS B 329 14.32 -7.56 -5.04
N VAL B 330 15.07 -7.80 -3.95
CA VAL B 330 14.63 -7.41 -2.61
C VAL B 330 14.82 -5.90 -2.42
N ARG B 331 13.72 -5.22 -2.11
CA ARG B 331 13.74 -3.79 -1.90
C ARG B 331 12.92 -3.42 -0.68
N GLY B 332 13.54 -2.70 0.23
CA GLY B 332 12.89 -2.26 1.46
C GLY B 332 12.61 -3.39 2.42
N HIS B 333 11.64 -3.18 3.29
CA HIS B 333 11.36 -4.10 4.37
C HIS B 333 9.87 -4.09 4.72
N ALA B 334 9.32 -5.25 5.05
CA ALA B 334 7.92 -5.36 5.40
C ALA B 334 7.72 -6.18 6.66
N VAL B 335 6.78 -5.74 7.49
CA VAL B 335 6.41 -6.46 8.70
C VAL B 335 4.91 -6.77 8.63
N GLU B 336 4.53 -7.94 9.12
CA GLU B 336 3.12 -8.32 9.25
C GLU B 336 2.76 -8.64 10.70
N CYS B 337 1.70 -7.99 11.19
CA CYS B 337 1.08 -8.36 12.45
C CYS B 337 -0.24 -9.07 12.16
N ARG B 338 -0.39 -10.28 12.66
CA ARG B 338 -1.66 -10.99 12.58
C ARG B 338 -2.63 -10.41 13.60
N ILE B 339 -3.86 -10.19 13.17
CA ILE B 339 -4.89 -9.69 14.09
C ILE B 339 -5.86 -10.82 14.43
N ASN B 340 -5.86 -11.22 15.68
CA ASN B 340 -6.65 -12.35 16.14
C ASN B 340 -7.76 -11.92 17.10
N ALA B 341 -8.95 -12.47 16.89
CA ALA B 341 -10.08 -12.25 17.80
C ALA B 341 -9.91 -13.14 19.05
N GLU B 342 -9.06 -12.66 19.95
CA GLU B 342 -8.70 -13.38 21.16
C GLU B 342 -8.18 -12.38 22.20
N ASP B 343 -8.31 -12.72 23.47
CA ASP B 343 -7.82 -11.86 24.55
C ASP B 343 -6.31 -11.63 24.40
N PRO B 344 -5.86 -10.36 24.48
CA PRO B 344 -4.43 -10.07 24.32
C PRO B 344 -3.57 -10.64 25.44
N ASN B 345 -4.19 -10.99 26.56
CA ASN B 345 -3.50 -11.51 27.76
C ASN B 345 -3.67 -13.03 27.97
N THR B 346 -4.90 -13.52 27.82
CA THR B 346 -5.22 -14.93 28.09
C THR B 346 -5.35 -15.76 26.82
N PHE B 347 -5.62 -15.09 25.69
CA PHE B 347 -5.78 -15.73 24.39
C PHE B 347 -7.00 -16.68 24.30
N LEU B 348 -7.98 -16.43 25.18
CA LEU B 348 -9.31 -17.00 25.05
C LEU B 348 -9.98 -16.42 23.81
N PRO B 349 -10.58 -17.28 22.96
CA PRO B 349 -11.21 -16.82 21.73
C PRO B 349 -12.31 -15.78 21.99
N SER B 350 -12.36 -14.76 21.13
CA SER B 350 -13.37 -13.71 21.27
C SER B 350 -14.21 -13.57 19.99
N PRO B 351 -15.10 -14.54 19.73
CA PRO B 351 -16.03 -14.32 18.63
C PRO B 351 -17.11 -13.33 19.05
N GLY B 352 -17.87 -12.82 18.09
CA GLY B 352 -18.94 -11.88 18.39
C GLY B 352 -19.01 -10.75 17.40
N LYS B 353 -19.98 -9.86 17.63
CA LYS B 353 -20.24 -8.76 16.72
C LYS B 353 -19.23 -7.63 16.90
N ILE B 354 -18.62 -7.22 15.79
CA ILE B 354 -17.80 -6.03 15.74
C ILE B 354 -18.74 -4.81 15.60
N THR B 355 -18.79 -3.99 16.64
CA THR B 355 -19.73 -2.88 16.70
C THR B 355 -19.18 -1.59 16.10
N ARG B 356 -17.85 -1.46 16.11
CA ARG B 356 -17.18 -0.33 15.49
C ARG B 356 -15.89 -0.83 14.85
N PHE B 357 -15.62 -0.37 13.63
CA PHE B 357 -14.41 -0.75 12.92
C PHE B 357 -13.79 0.40 12.14
N HIS B 358 -12.50 0.59 12.33
CA HIS B 358 -11.73 1.50 11.50
C HIS B 358 -10.39 0.90 11.08
N ALA B 359 -10.16 0.89 9.77
CA ALA B 359 -8.93 0.38 9.20
C ALA B 359 -7.87 1.48 9.10
N PRO B 360 -6.62 1.15 9.41
CA PRO B 360 -5.52 2.12 9.29
C PRO B 360 -5.21 2.40 7.82
N GLY B 361 -4.65 3.58 7.56
CA GLY B 361 -4.28 3.96 6.19
C GLY B 361 -2.88 4.54 6.17
N GLY B 362 -2.52 5.18 5.06
CA GLY B 362 -1.24 5.84 4.94
C GLY B 362 -0.27 5.10 4.04
N PHE B 363 0.77 5.82 3.62
CA PHE B 363 1.84 5.29 2.79
C PHE B 363 2.48 4.05 3.42
N GLY B 364 2.61 3.00 2.61
CA GLY B 364 3.26 1.77 3.03
C GLY B 364 2.43 0.90 3.95
N VAL B 365 1.14 1.22 4.08
CA VAL B 365 0.23 0.47 4.94
C VAL B 365 -0.73 -0.39 4.11
N ARG B 366 -0.74 -1.69 4.40
CA ARG B 366 -1.58 -2.64 3.68
C ARG B 366 -2.45 -3.42 4.66
N TRP B 367 -3.76 -3.35 4.45
CA TRP B 367 -4.73 -4.02 5.32
C TRP B 367 -5.39 -5.20 4.60
N GLU B 368 -5.19 -6.40 5.15
CA GLU B 368 -5.74 -7.62 4.59
C GLU B 368 -6.75 -8.25 5.55
N SER B 369 -8.03 -7.98 5.33
CA SER B 369 -9.08 -8.49 6.21
C SER B 369 -10.48 -8.34 5.63
N HIS B 370 -11.32 -9.33 5.95
CA HIS B 370 -12.71 -9.37 5.53
C HIS B 370 -13.63 -8.62 6.50
N ILE B 371 -13.11 -8.23 7.66
CA ILE B 371 -13.96 -7.65 8.70
C ILE B 371 -14.51 -6.26 8.35
N TYR B 372 -15.65 -5.93 8.94
CA TYR B 372 -16.30 -4.64 8.77
C TYR B 372 -17.19 -4.38 9.99
N ALA B 373 -17.60 -3.13 10.17
CA ALA B 373 -18.48 -2.77 11.28
C ALA B 373 -19.84 -3.41 11.09
N GLY B 374 -20.29 -4.17 12.08
CA GLY B 374 -21.57 -4.89 12.03
C GLY B 374 -21.40 -6.36 11.70
N TYR B 375 -20.18 -6.75 11.33
CA TYR B 375 -19.86 -8.14 11.03
C TYR B 375 -19.65 -8.96 12.31
N THR B 376 -20.20 -10.16 12.32
CA THR B 376 -20.03 -11.09 13.44
C THR B 376 -18.94 -12.11 13.13
N VAL B 377 -17.88 -12.10 13.92
CA VAL B 377 -16.84 -13.11 13.88
C VAL B 377 -17.42 -14.38 14.52
N PRO B 378 -17.55 -15.47 13.73
CA PRO B 378 -18.18 -16.69 14.23
C PRO B 378 -17.25 -17.55 15.10
N PRO B 379 -17.83 -18.29 16.06
CA PRO B 379 -17.04 -19.16 16.96
C PRO B 379 -16.47 -20.41 16.27
N TYR B 380 -17.03 -20.77 15.12
CA TYR B 380 -16.74 -22.05 14.45
C TYR B 380 -15.35 -22.20 13.83
N TYR B 381 -14.64 -21.07 13.67
CA TYR B 381 -13.40 -21.05 12.88
C TYR B 381 -12.19 -20.48 13.63
N ASP B 382 -11.09 -20.28 12.90
CA ASP B 382 -9.83 -19.74 13.42
C ASP B 382 -10.00 -18.32 14.01
N SER B 383 -9.05 -17.90 14.83
CA SER B 383 -9.12 -16.59 15.50
C SER B 383 -8.63 -15.44 14.61
N MET B 384 -7.85 -15.76 13.58
CA MET B 384 -7.27 -14.73 12.75
C MET B 384 -8.31 -14.06 11.87
N ILE B 385 -8.54 -12.77 12.14
CA ILE B 385 -9.57 -12.01 11.45
C ILE B 385 -9.00 -10.95 10.51
N GLY B 386 -7.69 -10.73 10.61
CA GLY B 386 -7.04 -9.73 9.79
C GLY B 386 -5.52 -9.79 9.84
N LYS B 387 -4.90 -9.15 8.85
CA LYS B 387 -3.45 -9.02 8.79
C LYS B 387 -3.08 -7.58 8.44
N LEU B 388 -2.21 -7.00 9.26
CA LEU B 388 -1.74 -5.65 9.04
C LEU B 388 -0.29 -5.72 8.60
N ILE B 389 -0.01 -5.15 7.42
CA ILE B 389 1.31 -5.22 6.80
C ILE B 389 1.80 -3.82 6.48
N CYS B 390 2.97 -3.49 7.00
CA CYS B 390 3.56 -2.18 6.74
C CYS B 390 4.90 -2.31 6.05
N TYR B 391 5.11 -1.44 5.07
CA TYR B 391 6.33 -1.44 4.27
C TYR B 391 7.10 -0.14 4.48
N GLY B 392 8.43 -0.26 4.49
CA GLY B 392 9.30 0.91 4.48
C GLY B 392 10.58 0.63 3.71
N GLU B 393 11.29 1.69 3.35
CA GLU B 393 12.58 1.56 2.65
C GLU B 393 13.64 0.86 3.51
N ASN B 394 13.37 0.81 4.82
CA ASN B 394 14.17 0.02 5.76
C ASN B 394 13.30 -0.56 6.88
N ARG B 395 13.88 -1.44 7.69
CA ARG B 395 13.15 -2.08 8.80
C ARG B 395 12.54 -1.07 9.80
N ASP B 396 13.32 -0.05 10.15
CA ASP B 396 12.90 0.96 11.12
C ASP B 396 11.64 1.72 10.68
N VAL B 397 11.57 2.05 9.39
CA VAL B 397 10.41 2.74 8.80
C VAL B 397 9.18 1.84 8.81
N ALA B 398 9.37 0.58 8.43
CA ALA B 398 8.32 -0.44 8.48
C ALA B 398 7.75 -0.59 9.90
N ILE B 399 8.63 -0.65 10.89
CA ILE B 399 8.23 -0.74 12.31
C ILE B 399 7.50 0.53 12.80
N ALA B 400 8.05 1.70 12.45
CA ALA B 400 7.43 2.98 12.80
C ALA B 400 6.02 3.12 12.20
N ARG B 401 5.86 2.69 10.95
CA ARG B 401 4.55 2.69 10.30
C ARG B 401 3.57 1.72 10.94
N MET B 402 4.07 0.55 11.36
CA MET B 402 3.25 -0.46 12.03
C MET B 402 2.70 0.03 13.37
N LYS B 403 3.58 0.68 14.15
CA LYS B 403 3.17 1.36 15.38
C LYS B 403 2.05 2.36 15.16
N ASN B 404 2.19 3.21 14.15
CA ASN B 404 1.15 4.18 13.79
C ASN B 404 -0.14 3.51 13.35
N ALA B 405 -0.01 2.52 12.47
CA ALA B 405 -1.15 1.79 11.92
C ALA B 405 -1.96 1.06 12.99
N LEU B 406 -1.26 0.40 13.91
CA LEU B 406 -1.91 -0.33 15.02
C LEU B 406 -2.68 0.58 15.96
N GLN B 407 -2.20 1.82 16.12
CA GLN B 407 -2.88 2.82 16.95
C GLN B 407 -4.15 3.33 16.29
N GLU B 408 -4.14 3.37 14.95
CA GLU B 408 -5.30 3.80 14.18
C GLU B 408 -6.39 2.75 14.12
N LEU B 409 -5.97 1.48 14.22
CA LEU B 409 -6.86 0.34 14.10
C LEU B 409 -7.85 0.25 15.28
N ILE B 410 -9.14 0.28 14.95
CA ILE B 410 -10.20 0.14 15.93
C ILE B 410 -11.03 -1.11 15.62
N ILE B 411 -11.13 -1.99 16.61
CA ILE B 411 -12.03 -3.15 16.55
C ILE B 411 -12.74 -3.27 17.90
N ASP B 412 -13.98 -2.80 17.96
CA ASP B 412 -14.76 -2.85 19.19
C ASP B 412 -15.79 -3.99 19.13
N GLY B 413 -16.18 -4.49 20.29
CA GLY B 413 -17.20 -5.52 20.40
C GLY B 413 -16.60 -6.89 20.69
N ILE B 414 -15.32 -7.04 20.35
CA ILE B 414 -14.57 -8.27 20.63
C ILE B 414 -13.18 -7.93 21.16
N LYS B 415 -12.51 -8.93 21.74
CA LYS B 415 -11.13 -8.77 22.16
C LYS B 415 -10.23 -9.14 21.01
N THR B 416 -9.15 -8.39 20.84
CA THR B 416 -8.16 -8.69 19.82
C THR B 416 -6.76 -8.63 20.45
N ASN B 417 -5.77 -9.11 19.71
CA ASN B 417 -4.38 -9.07 20.14
C ASN B 417 -3.66 -7.78 19.74
N VAL B 418 -4.40 -6.74 19.38
CA VAL B 418 -3.80 -5.47 18.94
C VAL B 418 -2.84 -4.88 19.98
N ASP B 419 -3.24 -4.92 21.25
CA ASP B 419 -2.41 -4.41 22.34
C ASP B 419 -1.12 -5.21 22.52
N LEU B 420 -1.19 -6.51 22.26
CA LEU B 420 0.01 -7.38 22.23
C LEU B 420 0.95 -6.99 21.11
N GLN B 421 0.40 -6.75 19.91
CA GLN B 421 1.21 -6.33 18.76
C GLN B 421 1.90 -4.99 19.00
N ILE B 422 1.22 -4.07 19.68
CA ILE B 422 1.81 -2.79 20.12
C ILE B 422 3.00 -3.02 21.08
N ARG B 423 2.82 -3.94 22.04
CA ARG B 423 3.89 -4.37 22.95
C ARG B 423 5.12 -4.90 22.19
N ILE B 424 4.89 -5.77 21.21
CA ILE B 424 5.97 -6.37 20.41
C ILE B 424 6.71 -5.33 19.56
N MET B 425 5.99 -4.39 18.95
CA MET B 425 6.62 -3.34 18.15
C MET B 425 7.50 -2.41 19.01
N ASN B 426 7.08 -2.21 20.26
CA ASN B 426 7.82 -1.38 21.24
C ASN B 426 8.95 -2.13 21.95
N ASP B 427 9.06 -3.42 21.68
CA ASP B 427 10.05 -4.27 22.33
C ASP B 427 11.45 -3.99 21.78
N GLU B 428 12.39 -3.67 22.68
CA GLU B 428 13.77 -3.30 22.29
C GLU B 428 14.55 -4.41 21.61
N ASN B 429 14.27 -5.66 21.98
CA ASN B 429 14.92 -6.81 21.35
C ASN B 429 14.36 -7.10 19.96
N PHE B 430 13.06 -6.88 19.78
CA PHE B 430 12.44 -6.93 18.44
C PHE B 430 12.97 -5.81 17.55
N GLN B 431 13.09 -4.62 18.13
CA GLN B 431 13.59 -3.44 17.41
C GLN B 431 15.02 -3.62 16.95
N HIS B 432 15.82 -4.33 17.74
CA HIS B 432 17.17 -4.72 17.34
C HIS B 432 17.07 -5.73 16.20
N GLY B 433 16.21 -6.73 16.41
CA GLY B 433 15.96 -7.77 15.39
C GLY B 433 16.73 -9.04 15.66
N GLY B 434 16.26 -10.13 15.08
CA GLY B 434 16.96 -11.41 15.13
C GLY B 434 16.69 -12.25 16.36
N THR B 435 15.54 -12.04 17.00
CA THR B 435 15.13 -12.82 18.17
C THR B 435 14.75 -14.24 17.76
N ASN B 436 14.98 -15.19 18.67
CA ASN B 436 14.75 -16.60 18.37
C ASN B 436 13.30 -17.03 18.52
N ILE B 437 13.03 -18.29 18.17
CA ILE B 437 11.68 -18.87 18.20
C ILE B 437 11.06 -18.94 19.61
N HIS B 438 11.87 -18.74 20.64
CA HIS B 438 11.40 -18.88 22.02
C HIS B 438 11.12 -17.55 22.70
N TYR B 439 11.54 -16.46 22.06
CA TYR B 439 11.51 -15.13 22.69
C TYR B 439 10.14 -14.69 23.22
N LEU B 440 9.10 -14.78 22.38
CA LEU B 440 7.79 -14.25 22.77
C LEU B 440 7.23 -14.92 24.02
N GLU B 441 7.44 -16.23 24.10
CA GLU B 441 6.95 -17.05 25.19
C GLU B 441 7.56 -16.66 26.55
N LYS B 442 8.84 -16.28 26.55
CA LYS B 442 9.50 -15.91 27.80
C LYS B 442 9.26 -14.45 28.22
N LYS B 443 9.03 -13.59 27.23
CA LYS B 443 8.60 -12.21 27.48
C LYS B 443 7.22 -12.19 28.15
N LEU B 444 6.40 -13.19 27.81
CA LEU B 444 5.06 -13.35 28.38
C LEU B 444 5.06 -14.20 29.66
N GLY B 445 6.26 -14.51 30.16
CA GLY B 445 6.40 -15.38 31.32
C GLY B 445 6.78 -14.66 32.61
N LEU B 446 6.78 -13.43 32.68
#